data_8W5S
#
_entry.id   8W5S
#
_cell.length_a   89.813
_cell.length_b   89.813
_cell.length_c   196.916
_cell.angle_alpha   90.00
_cell.angle_beta   90.00
_cell.angle_gamma   120.00
#
_symmetry.space_group_name_H-M   'P 65'
#
loop_
_entity.id
_entity.type
_entity.pdbx_description
1 polymer 'Annexin A7'
2 non-polymer 'CALCIUM ION'
3 water water
#
_entity_poly.entity_id   1
_entity_poly.type   'polypeptide(L)'
_entity_poly.pdbx_seq_one_letter_code
;IRDAEILRKAMKGFGTDEQAIVDVVANRSNDQRQKIKAAFKTSYGKDLIKDLKSELSGNMEELILALFMPPTYYDAWSLR
KAMQGAGTQERVLIEILCTRTNQEIREIVRCYQSEFGRDLEKDIRSDTSGHFERLLVSMCQGNRDENQSINHQMAQEDAQ
RLYQAGEGRLGTDESCFNMILATRSFPQLRATMEAYSRMANRDLLSSVSREFSGYVESGLKTILQCALNRPAFFAERLYY
AMKGAGTDDSTLVRIVVTRSEIDLVQIKQMFAQMYQKTLGTMIAGDTSGDYRRLLLAIVGQ
;
_entity_poly.pdbx_strand_id   A,B,C
#
loop_
_chem_comp.id
_chem_comp.type
_chem_comp.name
_chem_comp.formula
CA non-polymer 'CALCIUM ION' 'Ca 2'
#
# COMPACT_ATOMS: atom_id res chain seq x y z
N ILE A 1 5.07 0.03 17.42
CA ILE A 1 5.19 -1.01 18.44
C ILE A 1 4.94 -2.37 17.81
N ARG A 2 3.84 -2.50 17.07
CA ARG A 2 3.60 -3.73 16.32
C ARG A 2 4.66 -3.93 15.24
N ASP A 3 5.02 -2.85 14.53
CA ASP A 3 6.02 -2.95 13.48
C ASP A 3 7.39 -3.31 14.06
N ALA A 4 7.72 -2.75 15.22
CA ALA A 4 8.98 -3.08 15.87
C ALA A 4 9.05 -4.55 16.25
N GLU A 5 7.89 -5.16 16.54
CA GLU A 5 7.86 -6.58 16.90
C GLU A 5 8.27 -7.45 15.73
N ILE A 6 7.79 -7.13 14.52
CA ILE A 6 8.02 -7.99 13.36
C ILE A 6 9.50 -8.05 13.02
N LEU A 7 10.15 -6.88 12.94
CA LEU A 7 11.58 -6.83 12.65
C LEU A 7 12.36 -7.63 13.69
N ARG A 8 12.02 -7.44 14.97
CA ARG A 8 12.63 -8.25 16.03
C ARG A 8 12.32 -9.73 15.81
N LYS A 9 11.08 -10.05 15.47
CA LYS A 9 10.72 -11.43 15.18
C LYS A 9 11.46 -11.95 13.96
N ALA A 10 11.56 -11.14 12.91
CA ALA A 10 12.20 -11.58 11.67
C ALA A 10 13.70 -11.67 11.80
N MET A 11 14.30 -11.02 12.80
CA MET A 11 15.73 -11.19 13.06
C MET A 11 16.03 -12.21 14.13
N LYS A 12 15.06 -12.58 14.95
CA LYS A 12 15.30 -13.52 16.04
C LYS A 12 15.61 -14.91 15.51
N GLY A 13 16.38 -15.66 16.28
CA GLY A 13 16.76 -17.00 15.91
C GLY A 13 17.81 -17.03 14.81
N PHE A 14 18.23 -18.25 14.48
CA PHE A 14 19.16 -18.46 13.39
C PHE A 14 18.63 -17.86 12.10
N GLY A 15 19.50 -17.18 11.37
CA GLY A 15 19.12 -16.61 10.10
C GLY A 15 18.33 -15.33 10.23
N THR A 16 17.74 -14.93 9.11
CA THR A 16 16.92 -13.73 8.99
C THR A 16 15.76 -14.02 8.06
N ASP A 17 14.57 -13.51 8.40
CA ASP A 17 13.46 -13.47 7.45
C ASP A 17 13.55 -12.14 6.72
N GLU A 18 14.21 -12.14 5.57
CA GLU A 18 14.40 -10.90 4.82
C GLU A 18 13.12 -10.43 4.18
N GLN A 19 12.19 -11.34 3.89
CA GLN A 19 10.93 -10.94 3.27
C GLN A 19 10.09 -10.10 4.22
N ALA A 20 10.00 -10.52 5.48
CA ALA A 20 9.22 -9.75 6.46
C ALA A 20 9.80 -8.36 6.65
N ILE A 21 11.14 -8.26 6.67
CA ILE A 21 11.77 -6.95 6.82
C ILE A 21 11.38 -6.02 5.68
N VAL A 22 11.31 -6.55 4.46
CA VAL A 22 10.96 -5.72 3.31
C VAL A 22 9.50 -5.31 3.36
N ASP A 23 8.61 -6.23 3.74
CA ASP A 23 7.18 -5.92 3.78
C ASP A 23 6.85 -4.79 4.73
N VAL A 24 7.71 -4.53 5.73
CA VAL A 24 7.49 -3.45 6.67
C VAL A 24 8.13 -2.17 6.15
N VAL A 25 9.44 -2.23 5.89
CA VAL A 25 10.19 -1.02 5.55
C VAL A 25 9.66 -0.40 4.27
N ALA A 26 9.29 -1.21 3.29
CA ALA A 26 8.89 -0.69 1.98
C ALA A 26 7.46 -0.15 1.98
N ASN A 27 6.64 -0.51 2.95
CA ASN A 27 5.26 -0.07 3.01
C ASN A 27 5.04 0.99 4.10
N ARG A 28 6.11 1.59 4.59
CA ARG A 28 6.06 2.60 5.62
C ARG A 28 6.83 3.83 5.17
N SER A 29 6.29 5.02 5.46
CA SER A 29 6.94 6.27 5.10
C SER A 29 8.24 6.42 5.90
N ASN A 30 9.00 7.48 5.59
CA ASN A 30 10.21 7.75 6.36
C ASN A 30 9.87 8.24 7.76
N ASP A 31 8.85 9.10 7.88
CA ASP A 31 8.37 9.50 9.20
C ASP A 31 7.96 8.28 10.02
N GLN A 32 7.26 7.33 9.39
CA GLN A 32 6.85 6.11 10.09
C GLN A 32 8.05 5.24 10.42
N ARG A 33 9.04 5.16 9.53
CA ARG A 33 10.23 4.38 9.80
C ARG A 33 11.05 4.95 10.96
N GLN A 34 10.93 6.25 11.23
CA GLN A 34 11.58 6.82 12.40
C GLN A 34 10.83 6.44 13.68
N LYS A 35 9.49 6.42 13.61
CA LYS A 35 8.70 6.03 14.76
C LYS A 35 8.79 4.54 15.05
N ILE A 36 9.12 3.73 14.04
CA ILE A 36 9.40 2.31 14.29
C ILE A 36 10.76 2.14 14.94
N LYS A 37 11.75 2.94 14.51
CA LYS A 37 13.04 2.98 15.18
C LYS A 37 12.87 3.32 16.66
N ALA A 38 12.02 4.30 16.97
CA ALA A 38 11.82 4.71 18.35
C ALA A 38 11.04 3.66 19.14
N ALA A 39 9.97 3.12 18.55
CA ALA A 39 9.21 2.08 19.22
C ALA A 39 10.07 0.85 19.50
N PHE A 40 11.05 0.59 18.63
CA PHE A 40 11.93 -0.56 18.81
C PHE A 40 12.84 -0.36 20.02
N LYS A 41 13.44 0.82 20.14
CA LYS A 41 14.36 1.08 21.25
C LYS A 41 13.64 1.01 22.59
N THR A 42 12.42 1.52 22.66
CA THR A 42 11.67 1.49 23.92
C THR A 42 11.26 0.07 24.28
N SER A 43 10.86 -0.73 23.30
CA SER A 43 10.37 -2.07 23.59
C SER A 43 11.48 -2.97 24.09
N TYR A 44 12.68 -2.86 23.53
CA TYR A 44 13.71 -3.85 23.78
C TYR A 44 15.03 -3.28 24.28
N GLY A 45 15.19 -1.97 24.32
CA GLY A 45 16.43 -1.41 24.80
C GLY A 45 17.62 -1.67 23.92
N LYS A 46 17.39 -1.96 22.64
CA LYS A 46 18.46 -2.10 21.67
C LYS A 46 18.18 -1.17 20.49
N ASP A 47 19.26 -0.77 19.82
CA ASP A 47 19.12 -0.01 18.59
C ASP A 47 18.74 -0.95 17.45
N LEU A 48 17.78 -0.51 16.64
CA LEU A 48 17.33 -1.34 15.52
C LEU A 48 18.34 -1.31 14.37
N ILE A 49 18.96 -0.15 14.12
CA ILE A 49 19.91 -0.04 13.02
C ILE A 49 21.10 -0.97 13.24
N LYS A 50 21.59 -1.06 14.47
CA LYS A 50 22.71 -1.93 14.76
C LYS A 50 22.31 -3.40 14.65
N ASP A 51 21.14 -3.76 15.16
CA ASP A 51 20.65 -5.13 14.99
C ASP A 51 20.43 -5.46 13.51
N LEU A 52 20.04 -4.46 12.71
CA LEU A 52 19.90 -4.69 11.28
C LEU A 52 21.25 -4.84 10.59
N LYS A 53 22.27 -4.12 11.08
CA LYS A 53 23.60 -4.25 10.50
C LYS A 53 24.20 -5.61 10.80
N SER A 54 23.78 -6.25 11.90
CA SER A 54 24.33 -7.55 12.27
C SER A 54 23.70 -8.69 11.49
N GLU A 55 22.45 -8.54 11.06
CA GLU A 55 21.73 -9.63 10.42
C GLU A 55 21.45 -9.38 8.93
N LEU A 56 21.84 -8.22 8.40
CA LEU A 56 21.82 -7.96 6.97
C LEU A 56 23.26 -7.79 6.47
N SER A 57 23.42 -7.63 5.17
CA SER A 57 24.75 -7.51 4.59
C SER A 57 24.64 -7.02 3.15
N GLY A 58 25.73 -6.41 2.67
CA GLY A 58 25.84 -6.09 1.26
C GLY A 58 24.89 -4.98 0.83
N ASN A 59 24.41 -5.07 -0.41
CA ASN A 59 23.51 -4.06 -0.94
C ASN A 59 22.18 -4.04 -0.22
N MET A 60 21.75 -5.20 0.30
CA MET A 60 20.55 -5.24 1.13
C MET A 60 20.72 -4.35 2.36
N GLU A 61 21.87 -4.47 3.03
CA GLU A 61 22.12 -3.71 4.25
C GLU A 61 22.13 -2.21 3.98
N GLU A 62 22.90 -1.78 2.97
CA GLU A 62 23.03 -0.36 2.71
C GLU A 62 21.73 0.25 2.20
N LEU A 63 20.92 -0.51 1.48
CA LEU A 63 19.63 0.00 1.03
C LEU A 63 18.68 0.17 2.21
N ILE A 64 18.69 -0.78 3.15
CA ILE A 64 17.87 -0.64 4.35
C ILE A 64 18.40 0.49 5.22
N LEU A 65 19.73 0.58 5.37
CA LEU A 65 20.31 1.65 6.16
C LEU A 65 19.91 3.02 5.62
N ALA A 66 19.95 3.17 4.29
CA ALA A 66 19.53 4.43 3.67
C ALA A 66 18.07 4.73 3.96
N LEU A 67 17.23 3.69 4.01
CA LEU A 67 15.79 3.90 4.13
C LEU A 67 15.38 4.35 5.53
N PHE A 68 16.21 4.13 6.54
CA PHE A 68 15.87 4.52 7.90
C PHE A 68 16.44 5.88 8.30
N MET A 69 17.32 6.45 7.50
CA MET A 69 17.86 7.76 7.81
C MET A 69 16.85 8.83 7.45
N PRO A 70 16.67 9.84 8.30
CA PRO A 70 15.84 10.99 7.93
C PRO A 70 16.36 11.62 6.65
N PRO A 71 15.46 12.11 5.78
CA PRO A 71 15.91 12.59 4.47
C PRO A 71 16.97 13.67 4.55
N THR A 72 16.81 14.62 5.48
CA THR A 72 17.80 15.67 5.65
C THR A 72 19.13 15.09 6.12
N TYR A 73 19.10 14.27 7.17
CA TYR A 73 20.33 13.70 7.70
C TYR A 73 21.02 12.81 6.67
N TYR A 74 20.24 12.09 5.87
CA TYR A 74 20.82 11.25 4.83
C TYR A 74 21.65 12.07 3.85
N ASP A 75 21.07 13.16 3.33
CA ASP A 75 21.81 14.04 2.44
C ASP A 75 23.08 14.55 3.10
N ALA A 76 22.95 15.06 4.32
CA ALA A 76 24.12 15.57 5.05
C ALA A 76 25.16 14.46 5.25
N TRP A 77 24.72 13.27 5.65
CA TRP A 77 25.61 12.12 5.73
C TRP A 77 26.23 11.84 4.37
N SER A 78 25.41 11.85 3.31
CA SER A 78 25.93 11.61 1.97
C SER A 78 26.97 12.65 1.57
N LEU A 79 26.83 13.89 2.04
CA LEU A 79 27.83 14.91 1.72
C LEU A 79 29.11 14.68 2.52
N ARG A 80 28.99 14.32 3.80
CA ARG A 80 30.17 14.05 4.61
C ARG A 80 30.97 12.89 4.05
N LYS A 81 30.29 11.79 3.70
CA LYS A 81 30.99 10.63 3.16
C LYS A 81 31.59 10.90 1.79
N ALA A 82 31.08 11.90 1.06
CA ALA A 82 31.65 12.24 -0.23
C ALA A 82 32.91 13.08 -0.12
N MET A 83 33.16 13.68 1.05
CA MET A 83 34.35 14.48 1.29
C MET A 83 35.33 13.82 2.26
N GLN A 84 34.97 12.68 2.83
CA GLN A 84 35.69 12.14 3.98
C GLN A 84 36.99 11.47 3.55
N GLY A 85 38.11 12.01 4.04
CA GLY A 85 39.42 11.50 3.73
C GLY A 85 40.05 12.20 2.55
N ALA A 86 41.06 11.55 1.99
CA ALA A 86 41.55 11.97 0.70
C ALA A 86 40.51 11.70 -0.37
N GLY A 87 40.68 12.33 -1.53
CA GLY A 87 39.75 12.13 -2.61
C GLY A 87 38.40 12.77 -2.39
N THR A 88 37.64 12.90 -3.47
CA THR A 88 36.31 13.51 -3.46
C THR A 88 35.50 12.87 -4.57
N GLN A 89 34.23 12.59 -4.30
CA GLN A 89 33.31 12.19 -5.36
C GLN A 89 32.39 13.37 -5.64
N GLU A 90 32.89 14.26 -6.50
CA GLU A 90 32.19 15.49 -6.83
C GLU A 90 30.84 15.22 -7.48
N ARG A 91 30.69 14.04 -8.11
CA ARG A 91 29.40 13.64 -8.65
C ARG A 91 28.33 13.64 -7.57
N VAL A 92 28.70 13.21 -6.36
CA VAL A 92 27.74 13.19 -5.26
C VAL A 92 27.45 14.59 -4.78
N LEU A 93 28.44 15.48 -4.78
CA LEU A 93 28.21 16.84 -4.36
C LEU A 93 27.33 17.60 -5.37
N ILE A 94 27.42 17.22 -6.66
CA ILE A 94 26.56 17.82 -7.67
C ILE A 94 25.12 17.31 -7.52
N GLU A 95 24.96 16.00 -7.31
CA GLU A 95 23.64 15.38 -7.33
C GLU A 95 22.70 15.91 -6.25
N ILE A 96 23.25 16.27 -5.09
CA ILE A 96 22.55 16.81 -3.92
C ILE A 96 22.57 18.33 -4.00
N LEU A 97 23.76 18.93 -3.96
CA LEU A 97 23.86 20.38 -3.80
C LEU A 97 23.28 21.15 -4.98
N CYS A 98 23.18 20.55 -6.17
CA CYS A 98 22.64 21.24 -7.32
C CYS A 98 21.16 20.94 -7.59
N THR A 99 20.60 19.92 -6.92
CA THR A 99 19.22 19.52 -7.17
C THR A 99 18.28 19.77 -5.99
N ARG A 100 18.80 19.90 -4.78
CA ARG A 100 17.94 20.19 -3.63
C ARG A 100 17.45 21.63 -3.69
N THR A 101 16.28 21.87 -3.08
CA THR A 101 15.69 23.19 -3.08
C THR A 101 16.32 24.05 -1.98
N ASN A 102 15.82 25.28 -1.85
CA ASN A 102 16.30 26.18 -0.81
C ASN A 102 15.96 25.64 0.57
N GLN A 103 14.72 25.17 0.75
CA GLN A 103 14.32 24.60 2.04
C GLN A 103 15.19 23.41 2.40
N GLU A 104 15.37 22.48 1.46
CA GLU A 104 16.18 21.29 1.72
C GLU A 104 17.62 21.66 2.05
N ILE A 105 18.18 22.64 1.33
CA ILE A 105 19.58 22.99 1.52
C ILE A 105 19.81 23.56 2.92
N ARG A 106 18.88 24.38 3.40
CA ARG A 106 19.07 25.01 4.72
C ARG A 106 18.98 24.01 5.86
N GLU A 107 18.15 22.97 5.71
CA GLU A 107 18.11 21.92 6.73
C GLU A 107 19.42 21.14 6.77
N ILE A 108 20.02 20.91 5.61
CA ILE A 108 21.30 20.18 5.55
C ILE A 108 22.38 20.97 6.27
N VAL A 109 22.46 22.28 6.01
CA VAL A 109 23.47 23.11 6.66
C VAL A 109 23.26 23.11 8.17
N ARG A 110 22.00 23.09 8.61
CA ARG A 110 21.72 22.99 10.03
C ARG A 110 22.10 21.60 10.57
N CYS A 111 21.64 20.55 9.90
CA CYS A 111 21.90 19.19 10.38
C CYS A 111 23.38 18.86 10.31
N TYR A 112 24.07 19.33 9.27
CA TYR A 112 25.50 19.06 9.13
C TYR A 112 26.28 19.64 10.31
N GLN A 113 25.84 20.79 10.83
CA GLN A 113 26.50 21.37 12.00
C GLN A 113 26.15 20.60 13.26
N SER A 114 24.86 20.42 13.51
CA SER A 114 24.39 19.85 14.78
C SER A 114 24.67 18.35 14.90
N GLU A 115 25.28 17.72 13.90
CA GLU A 115 25.50 16.28 13.94
C GLU A 115 26.96 15.87 13.79
N PHE A 116 27.76 16.61 13.04
CA PHE A 116 29.18 16.34 12.92
C PHE A 116 30.03 17.44 13.52
N GLY A 117 29.43 18.55 13.95
CA GLY A 117 30.20 19.66 14.49
C GLY A 117 31.10 20.32 13.47
N ARG A 118 30.77 20.21 12.19
CA ARG A 118 31.59 20.77 11.12
C ARG A 118 30.77 21.76 10.30
N ASP A 119 31.48 22.67 9.66
CA ASP A 119 30.87 23.67 8.78
C ASP A 119 30.81 23.09 7.37
N LEU A 120 29.59 22.95 6.83
CA LEU A 120 29.42 22.35 5.52
C LEU A 120 30.22 23.09 4.45
N GLU A 121 30.02 24.41 4.37
CA GLU A 121 30.72 25.21 3.38
C GLU A 121 32.23 25.10 3.53
N LYS A 122 32.71 25.25 4.76
CA LYS A 122 34.14 25.10 5.03
C LYS A 122 34.68 23.78 4.50
N ASP A 123 33.92 22.70 4.71
CA ASP A 123 34.30 21.39 4.18
C ASP A 123 34.33 21.40 2.66
N ILE A 124 33.45 22.17 2.03
CA ILE A 124 33.40 22.20 0.57
C ILE A 124 34.61 22.93 0.02
N ARG A 125 35.04 24.02 0.66
CA ARG A 125 36.17 24.79 0.15
C ARG A 125 37.47 24.01 0.29
N SER A 126 37.55 23.08 1.24
CA SER A 126 38.79 22.36 1.47
C SER A 126 38.94 21.18 0.51
N ASP A 127 37.83 20.50 0.21
CA ASP A 127 37.86 19.34 -0.67
C ASP A 127 37.77 19.71 -2.14
N THR A 128 37.43 20.95 -2.47
CA THR A 128 37.31 21.41 -3.83
C THR A 128 38.13 22.69 -4.00
N SER A 129 38.08 23.25 -5.20
CA SER A 129 38.77 24.47 -5.57
C SER A 129 38.22 24.91 -6.92
N GLY A 130 38.82 25.94 -7.50
CA GLY A 130 38.39 26.40 -8.80
C GLY A 130 36.95 26.91 -8.79
N HIS A 131 36.39 27.01 -10.00
CA HIS A 131 35.03 27.48 -10.16
C HIS A 131 34.00 26.47 -9.65
N PHE A 132 34.41 25.23 -9.39
CA PHE A 132 33.50 24.25 -8.83
C PHE A 132 33.24 24.55 -7.36
N GLU A 133 34.30 24.82 -6.60
CA GLU A 133 34.15 25.30 -5.23
C GLU A 133 33.17 26.47 -5.17
N ARG A 134 33.36 27.46 -6.03
CA ARG A 134 32.45 28.61 -6.08
C ARG A 134 31.02 28.18 -6.36
N LEU A 135 30.83 27.27 -7.31
CA LEU A 135 29.47 26.81 -7.63
C LEU A 135 28.84 26.10 -6.45
N LEU A 136 29.57 25.17 -5.84
CA LEU A 136 29.02 24.45 -4.69
C LEU A 136 28.76 25.39 -3.52
N VAL A 137 29.59 26.43 -3.36
CA VAL A 137 29.39 27.38 -2.28
C VAL A 137 28.08 28.14 -2.48
N SER A 138 27.86 28.64 -3.70
CA SER A 138 26.59 29.28 -4.03
C SER A 138 25.42 28.35 -3.72
N MET A 139 25.54 27.09 -4.15
CA MET A 139 24.53 26.09 -3.85
C MET A 139 24.27 25.98 -2.35
N CYS A 140 25.34 26.02 -1.54
CA CYS A 140 25.20 25.89 -0.09
C CYS A 140 24.44 27.04 0.54
N GLN A 141 24.37 28.20 -0.11
CA GLN A 141 23.63 29.31 0.46
C GLN A 141 22.14 29.01 0.54
N GLY A 142 21.63 28.14 -0.31
CA GLY A 142 20.20 27.87 -0.36
C GLY A 142 19.39 29.14 -0.57
N ASN A 143 19.84 30.01 -1.48
CA ASN A 143 19.32 31.35 -1.61
C ASN A 143 18.79 31.65 -3.01
N ARG A 144 18.40 30.61 -3.75
CA ARG A 144 17.88 30.81 -5.09
C ARG A 144 16.59 31.61 -5.07
N ASP A 145 16.43 32.49 -6.05
CA ASP A 145 15.19 33.24 -6.21
C ASP A 145 14.00 32.30 -6.19
N GLU A 146 12.92 32.72 -5.54
CA GLU A 146 11.76 31.88 -5.34
C GLU A 146 10.51 32.38 -6.06
N ASN A 147 10.50 33.61 -6.55
CA ASN A 147 9.43 34.05 -7.43
C ASN A 147 9.36 33.14 -8.65
N GLN A 148 8.21 32.49 -8.83
CA GLN A 148 8.04 31.56 -9.94
C GLN A 148 7.51 32.24 -11.19
N SER A 149 7.19 33.52 -11.12
CA SER A 149 6.77 34.25 -12.31
C SER A 149 7.98 34.55 -13.19
N ILE A 150 7.71 34.67 -14.49
CA ILE A 150 8.75 34.95 -15.47
C ILE A 150 8.93 36.46 -15.58
N ASN A 151 10.16 36.91 -15.47
CA ASN A 151 10.54 38.29 -15.80
C ASN A 151 11.17 38.24 -17.20
N HIS A 152 10.48 38.81 -18.19
CA HIS A 152 10.91 38.67 -19.57
C HIS A 152 12.14 39.53 -19.88
N GLN A 153 12.12 40.80 -19.45
CA GLN A 153 13.27 41.66 -19.69
C GLN A 153 14.52 41.11 -19.01
N MET A 154 14.36 40.47 -17.86
CA MET A 154 15.50 39.84 -17.20
C MET A 154 16.01 38.64 -18.00
N ALA A 155 15.09 37.81 -18.49
CA ALA A 155 15.49 36.65 -19.29
C ALA A 155 16.28 37.09 -20.52
N GLN A 156 15.78 38.10 -21.24
CA GLN A 156 16.50 38.66 -22.38
C GLN A 156 17.91 39.09 -21.96
N GLU A 157 17.99 40.07 -21.05
CA GLU A 157 19.28 40.61 -20.64
C GLU A 157 20.22 39.53 -20.13
N ASP A 158 19.72 38.62 -19.30
CA ASP A 158 20.55 37.56 -18.75
C ASP A 158 21.16 36.71 -19.86
N ALA A 159 20.32 36.29 -20.83
CA ALA A 159 20.81 35.46 -21.92
C ALA A 159 21.88 36.19 -22.73
N GLN A 160 21.64 37.46 -23.07
CA GLN A 160 22.65 38.27 -23.74
C GLN A 160 23.96 38.27 -22.96
N ARG A 161 23.87 38.40 -21.63
CA ARG A 161 25.08 38.38 -20.81
C ARG A 161 25.74 37.01 -20.85
N LEU A 162 24.95 35.95 -20.72
CA LEU A 162 25.49 34.60 -20.85
C LEU A 162 26.09 34.39 -22.25
N TYR A 163 25.47 34.98 -23.27
CA TYR A 163 26.03 34.93 -24.61
C TYR A 163 27.39 35.61 -24.67
N GLN A 164 27.49 36.81 -24.08
CA GLN A 164 28.73 37.57 -24.15
C GLN A 164 29.82 36.98 -23.26
N ALA A 165 29.43 36.29 -22.18
CA ALA A 165 30.40 35.79 -21.23
C ALA A 165 31.05 34.47 -21.66
N GLY A 166 30.42 33.73 -22.57
CA GLY A 166 31.00 32.49 -23.03
C GLY A 166 31.32 32.50 -24.52
N GLU A 167 30.29 32.31 -25.34
CA GLU A 167 30.49 32.26 -26.78
C GLU A 167 31.09 33.57 -27.31
N GLY A 168 30.50 34.70 -26.95
CA GLY A 168 30.90 35.98 -27.49
C GLY A 168 32.31 36.44 -27.17
N ARG A 169 33.15 35.55 -26.64
CA ARG A 169 34.50 35.93 -26.26
C ARG A 169 35.37 34.69 -26.18
N LEU A 170 36.68 34.91 -26.31
CA LEU A 170 37.65 33.85 -26.08
C LEU A 170 37.84 33.65 -24.58
N GLY A 171 37.95 32.40 -24.16
CA GLY A 171 37.85 32.18 -22.73
C GLY A 171 36.39 32.30 -22.31
N THR A 172 36.20 32.35 -21.00
CA THR A 172 34.85 32.44 -20.44
C THR A 172 34.88 33.31 -19.20
N ASP A 173 33.75 34.01 -18.97
CA ASP A 173 33.52 34.79 -17.75
C ASP A 173 32.67 33.92 -16.85
N GLU A 174 33.34 33.09 -16.03
CA GLU A 174 32.66 32.01 -15.33
C GLU A 174 31.64 32.54 -14.33
N SER A 175 32.01 33.53 -13.53
CA SER A 175 31.13 34.02 -12.47
C SER A 175 29.80 34.53 -13.01
N CYS A 176 29.75 34.90 -14.29
CA CYS A 176 28.47 35.25 -14.89
C CYS A 176 27.56 34.03 -15.00
N PHE A 177 28.11 32.89 -15.40
CA PHE A 177 27.33 31.65 -15.40
C PHE A 177 27.02 31.22 -13.97
N ASN A 178 27.97 31.44 -13.05
CA ASN A 178 27.69 31.18 -11.64
C ASN A 178 26.53 32.03 -11.15
N MET A 179 26.53 33.32 -11.48
CA MET A 179 25.50 34.24 -10.99
C MET A 179 24.11 33.80 -11.42
N ILE A 180 23.86 33.81 -12.73
CA ILE A 180 22.51 33.57 -13.23
C ILE A 180 22.04 32.17 -12.89
N LEU A 181 22.90 31.16 -13.11
CA LEU A 181 22.50 29.79 -12.87
C LEU A 181 22.31 29.47 -11.39
N ALA A 182 22.88 30.27 -10.48
CA ALA A 182 22.70 30.03 -9.05
C ALA A 182 21.67 30.95 -8.40
N THR A 183 21.39 32.11 -8.99
CA THR A 183 20.44 33.05 -8.41
C THR A 183 19.03 32.93 -9.01
N ARG A 184 18.92 32.66 -10.31
CA ARG A 184 17.63 32.71 -10.98
C ARG A 184 16.75 31.52 -10.60
N SER A 185 15.45 31.78 -10.47
CA SER A 185 14.49 30.73 -10.21
C SER A 185 14.37 29.79 -11.41
N PHE A 186 13.83 28.60 -11.16
CA PHE A 186 13.78 27.58 -12.20
C PHE A 186 12.92 27.98 -13.40
N PRO A 187 11.72 28.54 -13.25
CA PRO A 187 11.01 29.05 -14.44
C PRO A 187 11.75 30.19 -15.11
N GLN A 188 12.46 31.01 -14.33
CA GLN A 188 13.25 32.09 -14.91
C GLN A 188 14.40 31.54 -15.74
N LEU A 189 15.10 30.54 -15.22
CA LEU A 189 16.17 29.91 -15.99
C LEU A 189 15.62 29.29 -17.28
N ARG A 190 14.39 28.79 -17.24
CA ARG A 190 13.78 28.22 -18.44
C ARG A 190 13.49 29.30 -19.48
N ALA A 191 13.09 30.49 -19.03
CA ALA A 191 12.93 31.61 -19.96
C ALA A 191 14.28 32.08 -20.48
N THR A 192 15.30 32.11 -19.62
CA THR A 192 16.64 32.50 -20.03
C THR A 192 17.15 31.61 -21.17
N MET A 193 16.94 30.30 -21.04
CA MET A 193 17.42 29.38 -22.07
C MET A 193 16.61 29.50 -23.35
N GLU A 194 15.34 29.90 -23.25
CA GLU A 194 14.55 30.11 -24.45
C GLU A 194 14.96 31.38 -25.18
N ALA A 195 15.28 32.44 -24.43
CA ALA A 195 15.84 33.63 -25.05
C ALA A 195 17.23 33.37 -25.61
N TYR A 196 18.00 32.50 -24.95
CA TYR A 196 19.37 32.22 -25.40
C TYR A 196 19.39 31.41 -26.68
N SER A 197 18.36 30.60 -26.93
CA SER A 197 18.35 29.75 -28.12
C SER A 197 18.19 30.57 -29.39
N ARG A 198 17.32 31.59 -29.36
CA ARG A 198 17.09 32.39 -30.56
C ARG A 198 18.25 33.32 -30.84
N MET A 199 18.82 33.96 -29.81
CA MET A 199 19.87 34.93 -30.05
C MET A 199 21.20 34.25 -30.39
N ALA A 200 21.52 33.15 -29.69
CA ALA A 200 22.79 32.48 -29.96
C ALA A 200 22.71 31.50 -31.12
N ASN A 201 21.51 31.05 -31.48
CA ASN A 201 21.32 30.01 -32.48
C ASN A 201 22.06 28.72 -32.09
N ARG A 202 21.90 28.36 -30.82
CA ARG A 202 22.59 27.24 -30.17
C ARG A 202 22.18 27.24 -28.71
N ASP A 203 21.66 26.12 -28.20
CA ASP A 203 21.05 26.18 -26.89
C ASP A 203 22.09 26.32 -25.78
N LEU A 204 21.62 26.72 -24.61
CA LEU A 204 22.53 27.07 -23.52
C LEU A 204 23.33 25.88 -23.03
N LEU A 205 22.77 24.68 -23.12
CA LEU A 205 23.47 23.50 -22.60
C LEU A 205 24.70 23.17 -23.44
N SER A 206 24.61 23.31 -24.76
CA SER A 206 25.76 23.05 -25.61
C SER A 206 26.88 24.05 -25.35
N SER A 207 26.52 25.33 -25.17
CA SER A 207 27.53 26.35 -24.91
C SER A 207 28.26 26.08 -23.60
N VAL A 208 27.54 25.58 -22.60
CA VAL A 208 28.18 25.18 -21.35
C VAL A 208 29.21 24.09 -21.61
N SER A 209 28.87 23.12 -22.44
CA SER A 209 29.82 22.06 -22.79
C SER A 209 31.04 22.63 -23.51
N ARG A 210 30.87 23.72 -24.24
CA ARG A 210 31.95 24.28 -25.05
C ARG A 210 32.87 25.20 -24.27
N GLU A 211 32.32 26.07 -23.43
CA GLU A 211 33.12 27.01 -22.67
C GLU A 211 33.51 26.50 -21.29
N PHE A 212 32.93 25.39 -20.84
CA PHE A 212 33.27 24.79 -19.56
C PHE A 212 33.65 23.32 -19.76
N SER A 213 34.26 22.77 -18.71
CA SER A 213 34.66 21.37 -18.67
C SER A 213 34.55 20.89 -17.23
N GLY A 214 35.05 19.68 -16.98
CA GLY A 214 35.16 19.12 -15.65
C GLY A 214 33.86 19.16 -14.87
N TYR A 215 34.00 19.29 -13.55
CA TYR A 215 32.84 19.21 -12.67
C TYR A 215 32.03 20.50 -12.66
N VAL A 216 32.61 21.62 -13.08
CA VAL A 216 31.83 22.84 -13.27
C VAL A 216 30.79 22.63 -14.36
N GLU A 217 31.25 22.13 -15.52
CA GLU A 217 30.33 21.84 -16.62
C GLU A 217 29.24 20.88 -16.18
N SER A 218 29.63 19.78 -15.52
CA SER A 218 28.66 18.84 -14.98
C SER A 218 27.70 19.54 -14.03
N GLY A 219 28.23 20.36 -13.12
CA GLY A 219 27.38 21.04 -12.17
C GLY A 219 26.45 22.04 -12.82
N LEU A 220 26.95 22.79 -13.79
CA LEU A 220 26.12 23.80 -14.46
C LEU A 220 25.03 23.15 -15.30
N LYS A 221 25.37 22.10 -16.04
CA LYS A 221 24.36 21.38 -16.80
C LYS A 221 23.31 20.76 -15.90
N THR A 222 23.72 20.35 -14.68
CA THR A 222 22.78 19.76 -13.74
C THR A 222 21.70 20.77 -13.35
N ILE A 223 22.09 21.99 -13.02
CA ILE A 223 21.12 23.02 -12.66
C ILE A 223 20.17 23.28 -13.83
N LEU A 224 20.74 23.49 -15.02
CA LEU A 224 19.91 23.73 -16.21
C LEU A 224 18.99 22.55 -16.49
N GLN A 225 19.54 21.34 -16.50
CA GLN A 225 18.73 20.15 -16.75
C GLN A 225 17.62 20.01 -15.71
N CYS A 226 17.87 20.45 -14.47
CA CYS A 226 16.83 20.41 -13.45
C CYS A 226 15.78 21.49 -13.68
N ALA A 227 16.21 22.67 -14.15
CA ALA A 227 15.24 23.72 -14.45
C ALA A 227 14.25 23.28 -15.53
N LEU A 228 14.73 22.52 -16.51
CA LEU A 228 13.84 21.98 -17.53
C LEU A 228 12.96 20.88 -16.97
N ASN A 229 13.59 19.81 -16.47
CA ASN A 229 12.84 18.62 -16.03
C ASN A 229 13.71 17.89 -14.99
N ARG A 230 13.53 18.25 -13.72
CA ARG A 230 14.31 17.62 -12.66
C ARG A 230 14.10 16.12 -12.57
N PRO A 231 12.88 15.56 -12.68
CA PRO A 231 12.75 14.10 -12.70
C PRO A 231 13.51 13.43 -13.83
N ALA A 232 13.58 14.08 -15.00
CA ALA A 232 14.30 13.48 -16.12
C ALA A 232 15.81 13.43 -15.88
N PHE A 233 16.35 14.41 -15.15
CA PHE A 233 17.78 14.37 -14.83
C PHE A 233 18.10 13.15 -13.98
N PHE A 234 17.27 12.87 -12.97
CA PHE A 234 17.49 11.70 -12.13
C PHE A 234 17.33 10.41 -12.93
N ALA A 235 16.31 10.35 -13.78
CA ALA A 235 16.12 9.20 -14.67
C ALA A 235 17.40 8.88 -15.43
N GLU A 236 18.01 9.89 -16.04
CA GLU A 236 19.27 9.71 -16.74
C GLU A 236 20.35 9.19 -15.80
N ARG A 237 20.39 9.70 -14.57
CA ARG A 237 21.38 9.26 -13.60
C ARG A 237 21.15 7.81 -13.21
N LEU A 238 19.89 7.39 -13.09
CA LEU A 238 19.58 6.01 -12.78
C LEU A 238 19.88 5.10 -13.96
N TYR A 239 19.60 5.58 -15.18
CA TYR A 239 19.94 4.82 -16.38
C TYR A 239 21.43 4.55 -16.47
N TYR A 240 22.25 5.59 -16.24
CA TYR A 240 23.69 5.43 -16.23
C TYR A 240 24.14 4.44 -15.17
N ALA A 241 23.42 4.36 -14.06
CA ALA A 241 23.87 3.56 -12.92
C ALA A 241 23.84 2.07 -13.24
N MET A 242 22.85 1.62 -14.00
CA MET A 242 22.69 0.21 -14.30
C MET A 242 23.12 -0.17 -15.72
N LYS A 243 23.55 0.79 -16.54
CA LYS A 243 23.98 0.46 -17.89
C LYS A 243 25.45 0.05 -17.88
N GLY A 244 25.76 -0.97 -18.66
CA GLY A 244 27.03 -1.65 -18.58
C GLY A 244 26.92 -2.91 -17.73
N ALA A 245 28.05 -3.60 -17.59
CA ALA A 245 28.12 -4.79 -16.76
C ALA A 245 28.18 -4.38 -15.30
N GLY A 246 27.23 -4.85 -14.51
CA GLY A 246 27.18 -4.50 -13.10
C GLY A 246 26.28 -3.32 -12.84
N THR A 247 26.32 -2.86 -11.59
CA THR A 247 25.48 -1.75 -11.14
C THR A 247 26.29 -0.81 -10.27
N ASP A 248 26.07 0.49 -10.46
CA ASP A 248 26.50 1.50 -9.50
C ASP A 248 25.46 1.50 -8.38
N ASP A 249 25.67 0.64 -7.39
CA ASP A 249 24.65 0.42 -6.38
C ASP A 249 24.52 1.59 -5.42
N SER A 250 25.62 2.32 -5.19
CA SER A 250 25.55 3.51 -4.35
C SER A 250 24.55 4.52 -4.90
N THR A 251 24.68 4.82 -6.20
CA THR A 251 23.81 5.81 -6.82
C THR A 251 22.38 5.31 -6.92
N LEU A 252 22.19 4.11 -7.47
CA LEU A 252 20.85 3.56 -7.64
C LEU A 252 20.09 3.53 -6.33
N VAL A 253 20.76 3.17 -5.24
CA VAL A 253 20.12 3.20 -3.92
C VAL A 253 19.83 4.65 -3.51
N ARG A 254 20.82 5.53 -3.67
CA ARG A 254 20.67 6.90 -3.18
C ARG A 254 19.55 7.63 -3.90
N ILE A 255 19.44 7.45 -5.22
CA ILE A 255 18.41 8.18 -5.96
C ILE A 255 17.03 7.61 -5.66
N VAL A 256 16.90 6.28 -5.60
CA VAL A 256 15.61 5.68 -5.30
C VAL A 256 15.14 6.10 -3.91
N VAL A 257 16.04 6.11 -2.93
CA VAL A 257 15.65 6.43 -1.56
C VAL A 257 15.33 7.91 -1.42
N THR A 258 16.22 8.78 -1.88
CA THR A 258 16.08 10.21 -1.62
C THR A 258 14.85 10.79 -2.32
N ARG A 259 14.55 10.33 -3.52
CA ARG A 259 13.39 10.83 -4.26
C ARG A 259 12.15 9.97 -4.10
N SER A 260 12.20 8.94 -3.23
CA SER A 260 11.09 8.00 -3.12
C SER A 260 9.79 8.69 -2.74
N GLU A 261 9.86 9.65 -1.81
CA GLU A 261 8.69 10.36 -1.34
C GLU A 261 8.56 11.75 -1.96
N ILE A 262 9.42 12.08 -2.93
CA ILE A 262 9.38 13.40 -3.54
C ILE A 262 8.76 13.30 -4.93
N ASP A 263 9.55 12.86 -5.92
CA ASP A 263 9.11 12.89 -7.31
C ASP A 263 9.44 11.59 -8.03
N LEU A 264 9.46 10.46 -7.32
CA LEU A 264 9.83 9.19 -7.92
C LEU A 264 8.91 8.82 -9.08
N VAL A 265 7.61 9.07 -8.93
CA VAL A 265 6.65 8.72 -9.98
C VAL A 265 7.02 9.42 -11.29
N GLN A 266 7.22 10.73 -11.22
CA GLN A 266 7.61 11.49 -12.41
C GLN A 266 8.95 10.99 -12.97
N ILE A 267 9.84 10.51 -12.10
CA ILE A 267 11.09 9.92 -12.56
C ILE A 267 10.82 8.67 -13.38
N LYS A 268 9.86 7.85 -12.94
CA LYS A 268 9.53 6.62 -13.67
C LYS A 268 8.93 6.95 -15.02
N GLN A 269 7.96 7.86 -15.06
CA GLN A 269 7.32 8.23 -16.32
C GLN A 269 8.33 8.85 -17.28
N MET A 270 9.20 9.71 -16.77
CA MET A 270 10.30 10.22 -17.60
C MET A 270 11.16 9.07 -18.09
N PHE A 271 11.71 8.27 -17.17
CA PHE A 271 12.58 7.15 -17.54
C PHE A 271 11.94 6.28 -18.61
N ALA A 272 10.65 5.99 -18.48
CA ALA A 272 9.95 5.18 -19.47
C ALA A 272 10.04 5.81 -20.86
N GLN A 273 9.82 7.12 -20.94
CA GLN A 273 9.82 7.81 -22.22
C GLN A 273 11.22 7.88 -22.82
N MET A 274 12.20 8.32 -22.01
CA MET A 274 13.56 8.49 -22.52
C MET A 274 14.20 7.17 -22.95
N TYR A 275 13.67 6.03 -22.49
CA TYR A 275 14.36 4.77 -22.70
C TYR A 275 13.46 3.63 -23.19
N GLN A 276 12.17 3.88 -23.43
CA GLN A 276 11.26 2.86 -23.96
C GLN A 276 11.28 1.59 -23.11
N LYS A 277 11.46 1.77 -21.81
CA LYS A 277 11.69 0.66 -20.90
C LYS A 277 11.49 1.18 -19.49
N THR A 278 10.65 0.51 -18.71
CA THR A 278 10.32 0.98 -17.37
C THR A 278 11.56 0.94 -16.48
N LEU A 279 11.59 1.86 -15.51
CA LEU A 279 12.64 1.82 -14.50
C LEU A 279 12.63 0.51 -13.72
N GLY A 280 11.46 -0.11 -13.59
CA GLY A 280 11.39 -1.40 -12.93
C GLY A 280 12.07 -2.50 -13.73
N THR A 281 11.88 -2.49 -15.05
CA THR A 281 12.51 -3.50 -15.90
C THR A 281 14.03 -3.41 -15.82
N MET A 282 14.57 -2.19 -15.92
CA MET A 282 16.01 -1.99 -15.82
C MET A 282 16.55 -2.55 -14.50
N ILE A 283 15.85 -2.26 -13.40
CA ILE A 283 16.30 -2.72 -12.08
C ILE A 283 16.23 -4.23 -12.00
N ALA A 284 15.08 -4.81 -12.38
CA ALA A 284 14.88 -6.25 -12.25
C ALA A 284 15.94 -7.05 -13.03
N GLY A 285 16.48 -6.46 -14.11
CA GLY A 285 17.56 -7.13 -14.81
C GLY A 285 18.91 -6.93 -14.16
N ASP A 286 19.09 -5.85 -13.40
CA ASP A 286 20.39 -5.49 -12.86
C ASP A 286 20.60 -5.89 -11.41
N THR A 287 19.54 -6.26 -10.69
CA THR A 287 19.62 -6.59 -9.28
C THR A 287 19.00 -7.97 -9.04
N SER A 288 19.26 -8.51 -7.84
CA SER A 288 18.75 -9.82 -7.46
C SER A 288 18.61 -9.87 -5.94
N GLY A 289 18.16 -11.03 -5.46
CA GLY A 289 18.00 -11.26 -4.02
C GLY A 289 16.84 -10.49 -3.42
N ASP A 290 16.91 -10.29 -2.10
CA ASP A 290 15.95 -9.42 -1.44
C ASP A 290 16.21 -7.97 -1.78
N TYR A 291 17.48 -7.61 -2.03
CA TYR A 291 17.85 -6.27 -2.45
C TYR A 291 17.01 -5.81 -3.65
N ARG A 292 16.77 -6.72 -4.60
CA ARG A 292 15.87 -6.41 -5.71
C ARG A 292 14.43 -6.27 -5.22
N ARG A 293 13.98 -7.19 -4.36
CA ARG A 293 12.60 -7.14 -3.87
C ARG A 293 12.31 -5.84 -3.13
N LEU A 294 13.30 -5.29 -2.43
CA LEU A 294 13.10 -4.01 -1.75
C LEU A 294 13.05 -2.85 -2.75
N LEU A 295 13.93 -2.88 -3.76
CA LEU A 295 13.98 -1.80 -4.74
C LEU A 295 12.70 -1.75 -5.57
N LEU A 296 12.17 -2.92 -5.95
CA LEU A 296 10.94 -2.95 -6.71
C LEU A 296 9.75 -2.54 -5.85
N ALA A 297 9.75 -2.94 -4.57
CA ALA A 297 8.67 -2.54 -3.68
C ALA A 297 8.62 -1.03 -3.49
N ILE A 298 9.79 -0.40 -3.37
CA ILE A 298 9.83 1.04 -3.16
C ILE A 298 9.30 1.80 -4.37
N VAL A 299 9.79 1.43 -5.56
CA VAL A 299 9.17 1.96 -6.81
C VAL A 299 7.75 1.43 -6.71
N GLY A 300 7.56 0.09 -6.78
CA GLY A 300 6.29 -0.54 -6.38
C GLY A 300 4.99 -0.39 -7.13
N GLN A 301 3.90 -0.15 -6.39
CA GLN A 301 2.55 -0.19 -6.89
C GLN A 301 1.84 1.16 -6.96
N ILE B 1 -14.01 30.07 28.82
CA ILE B 1 -13.36 30.51 30.06
C ILE B 1 -13.14 29.30 30.95
N ARG B 2 -14.22 28.68 31.43
CA ARG B 2 -14.06 27.44 32.17
C ARG B 2 -13.68 26.30 31.22
N ASP B 3 -14.19 26.33 29.99
CA ASP B 3 -13.67 25.46 28.95
C ASP B 3 -12.15 25.60 28.85
N ALA B 4 -11.67 26.84 28.76
CA ALA B 4 -10.23 27.06 28.69
C ALA B 4 -9.52 26.60 29.97
N GLU B 5 -10.18 26.72 31.13
CA GLU B 5 -9.58 26.25 32.37
C GLU B 5 -9.47 24.73 32.38
N ILE B 6 -10.37 24.03 31.69
CA ILE B 6 -10.29 22.57 31.61
C ILE B 6 -8.99 22.16 30.92
N LEU B 7 -8.73 22.71 29.74
CA LEU B 7 -7.51 22.39 29.01
C LEU B 7 -6.27 22.63 29.86
N ARG B 8 -6.22 23.78 30.54
CA ARG B 8 -5.05 24.14 31.33
C ARG B 8 -4.74 23.06 32.36
N LYS B 9 -5.75 22.59 33.07
CA LYS B 9 -5.54 21.56 34.08
C LYS B 9 -4.99 20.27 33.46
N ALA B 10 -5.57 19.85 32.33
CA ALA B 10 -5.17 18.60 31.69
C ALA B 10 -3.78 18.68 31.06
N MET B 11 -3.16 19.86 31.04
CA MET B 11 -1.83 20.02 30.46
C MET B 11 -0.78 20.44 31.47
N LYS B 12 -1.10 21.38 32.37
CA LYS B 12 -0.13 21.91 33.31
C LYS B 12 0.25 20.85 34.31
N GLY B 13 1.48 20.34 34.23
CA GLY B 13 1.97 19.38 35.19
C GLY B 13 2.05 17.95 34.72
N PHE B 14 1.78 17.03 35.64
CA PHE B 14 1.88 15.57 35.40
C PHE B 14 1.35 15.14 34.05
N GLY B 15 2.17 15.20 33.06
CA GLY B 15 1.80 14.63 31.77
C GLY B 15 0.55 15.28 31.23
N THR B 16 -0.35 14.46 30.70
CA THR B 16 -1.54 14.95 30.03
C THR B 16 -2.75 14.11 30.42
N ASP B 17 -3.88 14.80 30.65
CA ASP B 17 -5.19 14.17 30.83
C ASP B 17 -5.92 14.31 29.50
N GLU B 18 -5.57 13.43 28.55
CA GLU B 18 -6.11 13.50 27.20
C GLU B 18 -7.62 13.26 27.18
N GLN B 19 -8.20 12.94 28.33
CA GLN B 19 -9.63 12.65 28.39
C GLN B 19 -10.47 13.89 28.63
N ALA B 20 -10.07 14.75 29.56
CA ALA B 20 -10.75 16.04 29.70
C ALA B 20 -10.67 16.85 28.42
N ILE B 21 -9.59 16.68 27.67
CA ILE B 21 -9.44 17.37 26.39
C ILE B 21 -10.47 16.87 25.38
N VAL B 22 -10.65 15.55 25.31
CA VAL B 22 -11.60 14.98 24.36
C VAL B 22 -13.02 15.42 24.70
N ASP B 23 -13.37 15.45 25.98
CA ASP B 23 -14.71 15.88 26.38
C ASP B 23 -14.99 17.30 25.92
N VAL B 24 -13.99 18.17 25.96
CA VAL B 24 -14.20 19.56 25.55
C VAL B 24 -14.22 19.68 24.04
N VAL B 25 -13.15 19.24 23.37
CA VAL B 25 -12.99 19.47 21.93
C VAL B 25 -14.18 18.89 21.16
N ALA B 26 -14.66 17.72 21.57
CA ALA B 26 -15.72 17.02 20.84
C ALA B 26 -17.12 17.49 21.18
N ASN B 27 -17.31 18.19 22.30
CA ASN B 27 -18.64 18.66 22.70
C ASN B 27 -18.83 20.15 22.46
N ARG B 28 -17.95 20.79 21.71
CA ARG B 28 -18.09 22.18 21.33
C ARG B 28 -18.03 22.30 19.82
N SER B 29 -18.71 23.31 19.28
CA SER B 29 -18.70 23.53 17.85
C SER B 29 -17.39 24.16 17.41
N ASN B 30 -17.21 24.27 16.09
CA ASN B 30 -15.97 24.86 15.57
C ASN B 30 -15.91 26.35 15.88
N ASP B 31 -17.02 27.06 15.74
CA ASP B 31 -17.07 28.46 16.16
C ASP B 31 -16.74 28.59 17.64
N GLN B 32 -17.16 27.62 18.45
CA GLN B 32 -16.89 27.66 19.88
C GLN B 32 -15.47 27.23 20.23
N ARG B 33 -14.81 26.45 19.36
CA ARG B 33 -13.40 26.14 19.59
C ARG B 33 -12.53 27.38 19.43
N GLN B 34 -12.93 28.31 18.56
CA GLN B 34 -12.17 29.55 18.41
C GLN B 34 -12.28 30.41 19.67
N LYS B 35 -13.49 30.49 20.24
CA LYS B 35 -13.67 31.23 21.49
C LYS B 35 -12.95 30.57 22.65
N ILE B 36 -12.58 29.29 22.54
CA ILE B 36 -11.77 28.66 23.56
C ILE B 36 -10.30 28.98 23.36
N LYS B 37 -9.86 29.04 22.09
CA LYS B 37 -8.53 29.57 21.79
C LYS B 37 -8.38 31.00 22.31
N ALA B 38 -9.43 31.82 22.12
CA ALA B 38 -9.39 33.18 22.62
C ALA B 38 -9.24 33.21 24.13
N ALA B 39 -10.10 32.45 24.84
CA ALA B 39 -10.06 32.45 26.30
C ALA B 39 -8.73 31.91 26.82
N PHE B 40 -8.22 30.85 26.20
CA PHE B 40 -6.96 30.26 26.67
C PHE B 40 -5.81 31.25 26.55
N LYS B 41 -5.78 32.02 25.46
CA LYS B 41 -4.75 33.05 25.34
C LYS B 41 -4.98 34.18 26.31
N THR B 42 -6.25 34.59 26.50
CA THR B 42 -6.56 35.64 27.46
C THR B 42 -6.18 35.24 28.87
N SER B 43 -6.53 34.01 29.27
CA SER B 43 -6.35 33.59 30.65
C SER B 43 -4.89 33.29 30.99
N TYR B 44 -4.08 32.90 30.01
CA TYR B 44 -2.75 32.40 30.33
C TYR B 44 -1.64 33.02 29.49
N GLY B 45 -1.96 33.82 28.48
CA GLY B 45 -0.94 34.53 27.74
C GLY B 45 -0.06 33.65 26.88
N LYS B 46 -0.38 32.35 26.83
CA LYS B 46 0.37 31.43 26.01
C LYS B 46 -0.54 30.86 24.94
N ASP B 47 0.09 30.41 23.84
CA ASP B 47 -0.64 29.95 22.67
C ASP B 47 -1.20 28.56 22.93
N LEU B 48 -2.53 28.41 22.80
CA LEU B 48 -3.15 27.12 23.04
C LEU B 48 -2.63 26.05 22.09
N ILE B 49 -2.46 26.40 20.82
CA ILE B 49 -2.01 25.42 19.83
C ILE B 49 -0.62 24.93 20.17
N LYS B 50 0.26 25.83 20.61
CA LYS B 50 1.60 25.42 21.02
C LYS B 50 1.54 24.47 22.21
N ASP B 51 0.72 24.80 23.21
CA ASP B 51 0.56 23.91 24.36
C ASP B 51 0.12 22.52 23.93
N LEU B 52 -0.94 22.45 23.13
CA LEU B 52 -1.43 21.16 22.68
C LEU B 52 -0.37 20.43 21.86
N LYS B 53 0.46 21.15 21.11
CA LYS B 53 1.51 20.50 20.35
C LYS B 53 2.61 19.95 21.25
N SER B 54 2.91 20.63 22.35
CA SER B 54 3.96 20.15 23.26
C SER B 54 3.46 18.98 24.09
N GLU B 55 2.18 18.99 24.47
CA GLU B 55 1.63 17.96 25.35
C GLU B 55 0.86 16.88 24.59
N LEU B 56 1.04 16.80 23.27
CA LEU B 56 0.39 15.77 22.46
C LEU B 56 1.38 15.21 21.45
N SER B 57 0.95 14.15 20.77
CA SER B 57 1.74 13.48 19.74
C SER B 57 0.79 12.69 18.85
N GLY B 58 1.34 12.15 17.77
CA GLY B 58 0.69 11.24 16.84
C GLY B 58 -0.59 11.79 16.20
N ASN B 59 -1.39 10.85 15.69
CA ASN B 59 -2.69 11.21 15.11
C ASN B 59 -3.60 11.89 16.12
N MET B 60 -3.33 11.74 17.41
CA MET B 60 -4.05 12.52 18.41
C MET B 60 -3.76 14.00 18.25
N GLU B 61 -2.48 14.35 18.11
CA GLU B 61 -2.10 15.72 17.81
C GLU B 61 -2.68 16.17 16.48
N GLU B 62 -2.52 15.35 15.44
CA GLU B 62 -3.08 15.64 14.12
C GLU B 62 -4.56 16.00 14.23
N LEU B 63 -5.34 15.15 14.92
CA LEU B 63 -6.78 15.32 14.94
C LEU B 63 -7.20 16.53 15.76
N ILE B 64 -6.57 16.74 16.93
CA ILE B 64 -6.96 17.86 17.78
C ILE B 64 -6.53 19.18 17.17
N LEU B 65 -5.33 19.22 16.57
CA LEU B 65 -4.91 20.39 15.82
C LEU B 65 -5.91 20.68 14.70
N ALA B 66 -6.20 19.67 13.89
CA ALA B 66 -7.10 19.85 12.76
C ALA B 66 -8.49 20.31 13.21
N LEU B 67 -8.92 19.90 14.41
CA LEU B 67 -10.23 20.31 14.90
C LEU B 67 -10.26 21.76 15.36
N PHE B 68 -9.11 22.36 15.67
CA PHE B 68 -9.06 23.70 16.22
C PHE B 68 -8.88 24.79 15.17
N MET B 69 -8.56 24.44 13.95
CA MET B 69 -8.42 25.45 12.91
C MET B 69 -9.78 25.79 12.33
N PRO B 70 -10.01 27.05 11.98
CA PRO B 70 -11.28 27.41 11.33
C PRO B 70 -11.43 26.64 10.03
N PRO B 71 -12.66 26.40 9.59
CA PRO B 71 -12.86 25.61 8.36
C PRO B 71 -12.11 26.15 7.16
N THR B 72 -12.19 27.46 6.93
CA THR B 72 -11.52 28.04 5.76
C THR B 72 -10.01 27.95 5.88
N TYR B 73 -9.46 28.36 7.03
CA TYR B 73 -8.01 28.28 7.21
C TYR B 73 -7.51 26.84 7.10
N TYR B 74 -8.34 25.86 7.46
CA TYR B 74 -7.92 24.47 7.38
C TYR B 74 -7.62 24.08 5.94
N ASP B 75 -8.55 24.35 5.02
CA ASP B 75 -8.35 23.98 3.62
C ASP B 75 -7.11 24.66 3.06
N ALA B 76 -6.94 25.96 3.32
CA ALA B 76 -5.79 26.68 2.79
C ALA B 76 -4.48 26.20 3.42
N TRP B 77 -4.52 25.86 4.72
CA TRP B 77 -3.38 25.22 5.36
C TRP B 77 -3.10 23.87 4.72
N SER B 78 -4.14 23.04 4.56
CA SER B 78 -3.98 21.76 3.91
C SER B 78 -3.49 21.91 2.48
N LEU B 79 -3.89 22.99 1.81
CA LEU B 79 -3.44 23.22 0.43
C LEU B 79 -1.97 23.62 0.41
N ARG B 80 -1.54 24.46 1.36
CA ARG B 80 -0.13 24.85 1.38
C ARG B 80 0.76 23.66 1.69
N LYS B 81 0.33 22.80 2.61
CA LYS B 81 1.10 21.60 2.92
C LYS B 81 1.19 20.67 1.72
N ALA B 82 0.12 20.60 0.92
CA ALA B 82 0.07 19.64 -0.18
C ALA B 82 1.10 19.95 -1.26
N MET B 83 1.46 21.22 -1.42
CA MET B 83 2.47 21.62 -2.39
C MET B 83 3.81 21.96 -1.77
N GLN B 84 3.89 21.98 -0.44
CA GLN B 84 5.11 22.37 0.26
C GLN B 84 6.28 21.49 -0.13
N GLY B 85 7.44 22.12 -0.33
CA GLY B 85 8.63 21.40 -0.74
C GLY B 85 8.51 20.81 -2.13
N ALA B 86 9.60 20.25 -2.65
CA ALA B 86 9.52 19.55 -3.92
C ALA B 86 8.52 18.41 -3.82
N GLY B 87 7.92 18.06 -4.96
CA GLY B 87 6.87 17.06 -4.97
C GLY B 87 5.55 17.64 -4.50
N THR B 88 4.52 16.79 -4.52
CA THR B 88 3.16 17.25 -4.24
C THR B 88 2.33 16.12 -3.66
N GLN B 89 1.38 16.51 -2.80
CA GLN B 89 0.30 15.62 -2.37
C GLN B 89 -0.89 15.88 -3.29
N GLU B 90 -0.85 15.26 -4.48
CA GLU B 90 -1.86 15.55 -5.49
C GLU B 90 -3.26 15.18 -5.03
N ARG B 91 -3.40 14.14 -4.21
CA ARG B 91 -4.73 13.71 -3.77
C ARG B 91 -5.36 14.70 -2.80
N VAL B 92 -4.54 15.42 -2.03
CA VAL B 92 -5.07 16.46 -1.17
C VAL B 92 -5.65 17.60 -1.99
N LEU B 93 -4.96 18.00 -3.06
CA LEU B 93 -5.47 19.04 -3.94
C LEU B 93 -6.80 18.64 -4.56
N ILE B 94 -6.94 17.38 -4.96
CA ILE B 94 -8.17 16.92 -5.59
C ILE B 94 -9.31 16.90 -4.58
N GLU B 95 -9.05 16.39 -3.37
CA GLU B 95 -10.10 16.32 -2.35
C GLU B 95 -10.69 17.69 -2.06
N ILE B 96 -9.83 18.68 -1.83
CA ILE B 96 -10.31 20.02 -1.51
C ILE B 96 -10.86 20.68 -2.77
N LEU B 97 -9.97 20.95 -3.74
CA LEU B 97 -10.29 21.86 -4.83
C LEU B 97 -11.40 21.35 -5.73
N CYS B 98 -11.66 20.04 -5.75
CA CYS B 98 -12.69 19.49 -6.62
C CYS B 98 -14.00 19.20 -5.90
N THR B 99 -14.07 19.44 -4.60
CA THR B 99 -15.30 19.23 -3.85
C THR B 99 -15.90 20.50 -3.28
N ARG B 100 -15.09 21.53 -3.03
CA ARG B 100 -15.60 22.76 -2.44
C ARG B 100 -16.47 23.52 -3.42
N THR B 101 -17.46 24.23 -2.88
CA THR B 101 -18.35 25.06 -3.67
C THR B 101 -17.64 26.36 -4.03
N ASN B 102 -18.37 27.30 -4.66
CA ASN B 102 -17.76 28.56 -5.06
C ASN B 102 -17.42 29.41 -3.85
N GLN B 103 -18.35 29.56 -2.90
CA GLN B 103 -18.10 30.34 -1.71
C GLN B 103 -16.88 29.82 -0.96
N GLU B 104 -16.77 28.49 -0.84
CA GLU B 104 -15.62 27.92 -0.15
C GLU B 104 -14.32 28.23 -0.87
N ILE B 105 -14.31 28.12 -2.20
CA ILE B 105 -13.08 28.35 -2.96
C ILE B 105 -12.66 29.82 -2.86
N ARG B 106 -13.61 30.74 -3.00
CA ARG B 106 -13.27 32.17 -2.93
C ARG B 106 -12.68 32.52 -1.57
N GLU B 107 -13.24 31.95 -0.49
CA GLU B 107 -12.71 32.22 0.84
C GLU B 107 -11.32 31.61 1.02
N ILE B 108 -11.10 30.43 0.45
CA ILE B 108 -9.79 29.79 0.56
C ILE B 108 -8.72 30.64 -0.14
N VAL B 109 -9.05 31.20 -1.29
CA VAL B 109 -8.11 32.06 -2.01
C VAL B 109 -7.74 33.27 -1.16
N ARG B 110 -8.75 33.93 -0.59
CA ARG B 110 -8.50 35.11 0.23
C ARG B 110 -7.68 34.75 1.47
N CYS B 111 -8.04 33.66 2.15
CA CYS B 111 -7.32 33.23 3.33
C CYS B 111 -5.88 32.87 2.99
N TYR B 112 -5.70 32.05 1.95
CA TYR B 112 -4.36 31.72 1.45
C TYR B 112 -3.54 32.99 1.22
N GLN B 113 -4.18 34.05 0.74
CA GLN B 113 -3.47 35.30 0.46
C GLN B 113 -3.14 36.05 1.74
N SER B 114 -4.15 36.23 2.61
CA SER B 114 -3.97 37.09 3.78
C SER B 114 -3.10 36.41 4.85
N GLU B 115 -3.16 35.09 4.97
CA GLU B 115 -2.46 34.41 6.06
C GLU B 115 -1.08 33.93 5.67
N PHE B 116 -0.93 33.37 4.46
CA PHE B 116 0.35 32.83 4.04
C PHE B 116 1.15 33.79 3.14
N GLY B 117 0.55 34.88 2.71
CA GLY B 117 1.23 35.79 1.80
C GLY B 117 1.51 35.24 0.43
N ARG B 118 0.90 34.12 0.06
CA ARG B 118 1.12 33.49 -1.24
C ARG B 118 -0.14 33.58 -2.10
N ASP B 119 0.01 33.20 -3.36
CA ASP B 119 -1.07 33.17 -4.34
C ASP B 119 -1.37 31.70 -4.65
N LEU B 120 -2.57 31.26 -4.27
CA LEU B 120 -2.90 29.83 -4.37
C LEU B 120 -2.80 29.34 -5.81
N GLU B 121 -3.47 30.03 -6.73
CA GLU B 121 -3.46 29.61 -8.12
C GLU B 121 -2.05 29.53 -8.68
N LYS B 122 -1.20 30.49 -8.31
CA LYS B 122 0.18 30.48 -8.78
C LYS B 122 0.94 29.26 -8.25
N ASP B 123 0.80 28.98 -6.95
CA ASP B 123 1.51 27.86 -6.35
C ASP B 123 1.13 26.54 -6.99
N ILE B 124 -0.13 26.39 -7.41
CA ILE B 124 -0.56 25.17 -8.07
C ILE B 124 0.13 25.02 -9.42
N ARG B 125 0.18 26.12 -10.18
CA ARG B 125 0.79 26.09 -11.51
C ARG B 125 2.23 25.59 -11.45
N SER B 126 2.99 26.01 -10.44
CA SER B 126 4.37 25.59 -10.31
C SER B 126 4.53 24.23 -9.64
N ASP B 127 3.48 23.70 -9.02
CA ASP B 127 3.55 22.38 -8.39
C ASP B 127 2.91 21.27 -9.22
N THR B 128 1.99 21.61 -10.11
CA THR B 128 1.34 20.65 -11.00
C THR B 128 1.57 21.06 -12.45
N SER B 129 1.17 20.18 -13.36
CA SER B 129 1.45 20.38 -14.78
C SER B 129 0.44 19.63 -15.63
N GLY B 130 0.37 20.03 -16.90
CA GLY B 130 -0.40 19.27 -17.88
C GLY B 130 -1.88 19.64 -17.90
N HIS B 131 -2.70 18.63 -18.21
CA HIS B 131 -4.15 18.79 -18.13
C HIS B 131 -4.65 18.71 -16.69
N PHE B 132 -3.84 18.17 -15.78
CA PHE B 132 -4.18 18.24 -14.36
C PHE B 132 -4.06 19.67 -13.83
N GLU B 133 -3.00 20.37 -14.25
CA GLU B 133 -2.87 21.78 -13.89
C GLU B 133 -4.03 22.60 -14.47
N ARG B 134 -4.44 22.29 -15.69
CA ARG B 134 -5.62 22.93 -16.28
C ARG B 134 -6.81 22.85 -15.34
N LEU B 135 -7.05 21.65 -14.78
CA LEU B 135 -8.27 21.42 -14.01
C LEU B 135 -8.23 22.15 -12.67
N LEU B 136 -7.13 21.99 -11.93
CA LEU B 136 -7.02 22.64 -10.62
C LEU B 136 -7.07 24.16 -10.77
N VAL B 137 -6.42 24.69 -11.80
CA VAL B 137 -6.53 26.13 -12.09
C VAL B 137 -7.98 26.52 -12.30
N SER B 138 -8.70 25.72 -13.09
CA SER B 138 -10.12 25.99 -13.32
C SER B 138 -10.92 25.92 -12.04
N MET B 139 -10.62 24.93 -11.19
CA MET B 139 -11.30 24.83 -9.90
C MET B 139 -11.04 26.05 -9.03
N CYS B 140 -9.82 26.59 -9.10
CA CYS B 140 -9.39 27.67 -8.22
C CYS B 140 -10.18 28.95 -8.39
N GLN B 141 -10.94 29.11 -9.47
CA GLN B 141 -11.59 30.37 -9.74
C GLN B 141 -12.89 30.56 -8.98
N GLY B 142 -13.43 29.50 -8.38
CA GLY B 142 -14.74 29.60 -7.74
C GLY B 142 -15.80 30.17 -8.65
N ASN B 143 -15.74 29.79 -9.94
CA ASN B 143 -16.57 30.41 -10.97
C ASN B 143 -17.47 29.41 -11.68
N ARG B 144 -17.71 28.24 -11.07
CA ARG B 144 -18.69 27.33 -11.62
C ARG B 144 -20.02 28.04 -11.77
N ASP B 145 -20.64 27.93 -12.95
CA ASP B 145 -21.94 28.54 -13.17
C ASP B 145 -22.91 28.05 -12.10
N GLU B 146 -23.78 28.96 -11.67
CA GLU B 146 -24.63 28.73 -10.52
C GLU B 146 -26.10 28.66 -10.88
N ASN B 147 -26.45 28.74 -12.16
CA ASN B 147 -27.83 28.58 -12.59
C ASN B 147 -28.38 27.25 -12.10
N GLN B 148 -29.55 27.32 -11.48
CA GLN B 148 -30.20 26.11 -10.99
C GLN B 148 -31.18 25.55 -12.00
N SER B 149 -31.74 26.40 -12.86
CA SER B 149 -32.60 25.92 -13.93
C SER B 149 -31.83 25.01 -14.86
N ILE B 150 -32.47 23.93 -15.29
CA ILE B 150 -31.86 23.00 -16.23
C ILE B 150 -32.07 23.52 -17.64
N ASN B 151 -30.99 23.64 -18.40
CA ASN B 151 -31.06 23.92 -19.82
C ASN B 151 -31.03 22.57 -20.53
N HIS B 152 -32.19 22.13 -21.03
CA HIS B 152 -32.26 20.84 -21.70
C HIS B 152 -31.40 20.83 -22.97
N GLN B 153 -31.59 21.85 -23.81
CA GLN B 153 -30.76 22.03 -25.00
C GLN B 153 -29.28 21.87 -24.68
N MET B 154 -28.84 22.47 -23.57
CA MET B 154 -27.41 22.48 -23.23
C MET B 154 -26.95 21.13 -22.71
N ALA B 155 -27.83 20.35 -22.08
CA ALA B 155 -27.43 19.05 -21.57
C ALA B 155 -27.28 18.04 -22.69
N GLN B 156 -28.26 17.98 -23.59
CA GLN B 156 -28.18 17.09 -24.74
C GLN B 156 -26.97 17.41 -25.60
N GLU B 157 -26.67 18.69 -25.77
CA GLU B 157 -25.53 19.12 -26.58
C GLU B 157 -24.20 18.85 -25.88
N ASP B 158 -24.13 19.11 -24.57
CA ASP B 158 -22.89 18.89 -23.84
C ASP B 158 -22.52 17.40 -23.80
N ALA B 159 -23.52 16.55 -23.58
CA ALA B 159 -23.27 15.11 -23.60
C ALA B 159 -22.76 14.65 -24.96
N GLN B 160 -23.37 15.16 -26.04
CA GLN B 160 -22.91 14.84 -27.38
C GLN B 160 -21.48 15.32 -27.60
N ARG B 161 -21.16 16.53 -27.14
CA ARG B 161 -19.78 16.99 -27.16
C ARG B 161 -18.86 16.03 -26.41
N LEU B 162 -19.27 15.64 -25.20
CA LEU B 162 -18.43 14.76 -24.39
C LEU B 162 -18.24 13.40 -25.05
N TYR B 163 -19.22 12.93 -25.81
CA TYR B 163 -19.05 11.70 -26.56
C TYR B 163 -18.00 11.86 -27.65
N GLN B 164 -18.17 12.86 -28.51
CA GLN B 164 -17.21 13.10 -29.58
C GLN B 164 -15.84 13.52 -29.06
N ALA B 165 -15.73 13.84 -27.76
CA ALA B 165 -14.46 14.23 -27.17
C ALA B 165 -13.68 13.06 -26.60
N GLY B 166 -14.27 11.87 -26.56
CA GLY B 166 -13.58 10.71 -26.02
C GLY B 166 -14.00 9.40 -26.65
N GLU B 167 -15.19 8.91 -26.27
CA GLU B 167 -15.64 7.61 -26.74
C GLU B 167 -15.78 7.59 -28.26
N GLY B 168 -16.27 8.68 -28.84
CA GLY B 168 -16.53 8.70 -30.27
C GLY B 168 -15.38 9.23 -31.11
N ARG B 169 -14.16 9.19 -30.57
CA ARG B 169 -13.04 9.77 -31.28
C ARG B 169 -11.75 9.06 -30.91
N LEU B 170 -10.75 9.21 -31.78
CA LEU B 170 -9.40 8.76 -31.46
C LEU B 170 -8.78 9.66 -30.40
N GLY B 171 -7.96 9.07 -29.54
CA GLY B 171 -7.39 9.83 -28.45
C GLY B 171 -8.47 10.36 -27.53
N THR B 172 -8.26 11.57 -27.00
CA THR B 172 -9.22 12.20 -26.12
C THR B 172 -9.02 13.71 -26.17
N ASP B 173 -10.12 14.44 -26.36
CA ASP B 173 -10.08 15.91 -26.27
C ASP B 173 -10.24 16.28 -24.80
N GLU B 174 -9.11 16.24 -24.08
CA GLU B 174 -9.10 16.51 -22.65
C GLU B 174 -9.71 17.88 -22.33
N SER B 175 -9.56 18.84 -23.23
CA SER B 175 -10.02 20.20 -22.97
C SER B 175 -11.54 20.31 -22.96
N CYS B 176 -12.25 19.37 -23.60
CA CYS B 176 -13.71 19.44 -23.60
C CYS B 176 -14.30 18.89 -22.30
N PHE B 177 -13.67 17.87 -21.70
CA PHE B 177 -14.08 17.42 -20.39
C PHE B 177 -13.79 18.47 -19.32
N ASN B 178 -12.64 19.13 -19.44
CA ASN B 178 -12.30 20.18 -18.48
C ASN B 178 -13.34 21.29 -18.47
N MET B 179 -13.74 21.75 -19.65
CA MET B 179 -14.68 22.87 -19.73
C MET B 179 -16.03 22.51 -19.13
N ILE B 180 -16.61 21.40 -19.58
CA ILE B 180 -17.97 21.06 -19.17
C ILE B 180 -18.02 20.78 -17.67
N LEU B 181 -17.11 19.94 -17.18
CA LEU B 181 -17.18 19.55 -15.77
C LEU B 181 -16.82 20.70 -14.85
N ALA B 182 -16.23 21.77 -15.36
CA ALA B 182 -15.83 22.90 -14.53
C ALA B 182 -16.86 24.02 -14.51
N THR B 183 -17.41 24.40 -15.68
CA THR B 183 -18.31 25.54 -15.72
C THR B 183 -19.77 25.21 -15.49
N ARG B 184 -20.20 23.99 -15.77
CA ARG B 184 -21.62 23.68 -15.65
C ARG B 184 -22.01 23.47 -14.19
N SER B 185 -23.23 23.89 -13.86
CA SER B 185 -23.73 23.76 -12.50
C SER B 185 -23.92 22.28 -12.15
N PHE B 186 -23.96 22.01 -10.84
CA PHE B 186 -24.19 20.65 -10.39
C PHE B 186 -25.56 20.11 -10.78
N PRO B 187 -26.66 20.88 -10.69
CA PRO B 187 -27.91 20.38 -11.29
C PRO B 187 -27.76 20.11 -12.78
N GLN B 188 -27.06 20.99 -13.50
CA GLN B 188 -26.93 20.86 -14.94
C GLN B 188 -26.09 19.64 -15.32
N LEU B 189 -25.06 19.34 -14.53
CA LEU B 189 -24.26 18.16 -14.81
C LEU B 189 -25.06 16.88 -14.64
N ARG B 190 -25.96 16.84 -13.66
CA ARG B 190 -26.83 15.68 -13.50
C ARG B 190 -27.75 15.53 -14.71
N ALA B 191 -28.20 16.65 -15.28
CA ALA B 191 -28.97 16.59 -16.52
C ALA B 191 -28.11 16.10 -17.68
N THR B 192 -26.87 16.56 -17.75
CA THR B 192 -25.97 16.09 -18.80
C THR B 192 -25.66 14.62 -18.65
N MET B 193 -25.47 14.15 -17.41
CA MET B 193 -25.19 12.74 -17.19
C MET B 193 -26.38 11.86 -17.55
N GLU B 194 -27.59 12.30 -17.22
CA GLU B 194 -28.79 11.56 -17.62
C GLU B 194 -28.87 11.44 -19.14
N ALA B 195 -28.73 12.57 -19.84
CA ALA B 195 -28.78 12.56 -21.30
C ALA B 195 -27.59 11.84 -21.92
N TYR B 196 -26.50 11.68 -21.18
CA TYR B 196 -25.32 11.02 -21.73
C TYR B 196 -25.46 9.51 -21.70
N SER B 197 -26.10 8.96 -20.67
CA SER B 197 -26.30 7.52 -20.61
C SER B 197 -27.40 7.07 -21.55
N ARG B 198 -28.41 7.92 -21.77
CA ARG B 198 -29.50 7.58 -22.67
C ARG B 198 -29.03 7.38 -24.10
N MET B 199 -27.86 7.93 -24.45
CA MET B 199 -27.33 7.85 -25.80
C MET B 199 -26.10 6.96 -25.90
N ALA B 200 -25.11 7.17 -25.05
CA ALA B 200 -23.91 6.33 -25.04
C ALA B 200 -24.20 4.91 -24.58
N ASN B 201 -25.37 4.68 -23.96
CA ASN B 201 -25.63 3.43 -23.23
C ASN B 201 -24.49 3.15 -22.25
N ARG B 202 -23.97 4.24 -21.67
CA ARG B 202 -22.82 4.25 -20.80
C ARG B 202 -22.95 5.46 -19.90
N ASP B 203 -22.64 5.31 -18.61
CA ASP B 203 -22.61 6.47 -17.75
C ASP B 203 -21.27 7.19 -17.89
N LEU B 204 -21.29 8.50 -17.67
CA LEU B 204 -20.13 9.34 -17.95
C LEU B 204 -18.93 8.89 -17.13
N LEU B 205 -19.15 8.40 -15.91
CA LEU B 205 -18.04 8.01 -15.05
C LEU B 205 -17.21 6.89 -15.65
N SER B 206 -17.85 5.98 -16.40
CA SER B 206 -17.10 4.95 -17.10
C SER B 206 -16.23 5.54 -18.19
N SER B 207 -16.84 6.36 -19.07
CA SER B 207 -16.10 6.96 -20.17
C SER B 207 -14.89 7.74 -19.67
N VAL B 208 -15.02 8.41 -18.53
CA VAL B 208 -13.89 9.14 -17.97
C VAL B 208 -12.80 8.16 -17.52
N SER B 209 -13.19 7.09 -16.84
CA SER B 209 -12.23 6.05 -16.50
C SER B 209 -11.61 5.44 -17.76
N ARG B 210 -12.42 5.29 -18.81
CA ARG B 210 -11.93 4.67 -20.04
C ARG B 210 -11.08 5.63 -20.87
N GLU B 211 -11.38 6.92 -20.84
CA GLU B 211 -10.69 7.90 -21.68
C GLU B 211 -9.57 8.64 -20.98
N PHE B 212 -9.49 8.59 -19.65
CA PHE B 212 -8.44 9.28 -18.92
C PHE B 212 -7.69 8.30 -18.03
N SER B 213 -6.50 8.72 -17.62
CA SER B 213 -5.75 8.04 -16.57
C SER B 213 -5.19 9.07 -15.60
N GLY B 214 -4.31 8.65 -14.69
CA GLY B 214 -3.60 9.57 -13.83
C GLY B 214 -4.51 10.36 -12.91
N TYR B 215 -4.01 11.53 -12.50
CA TYR B 215 -4.74 12.38 -11.55
C TYR B 215 -5.88 13.13 -12.21
N VAL B 216 -5.78 13.41 -13.51
CA VAL B 216 -6.88 14.05 -14.23
C VAL B 216 -8.14 13.20 -14.10
N GLU B 217 -7.99 11.87 -14.18
CA GLU B 217 -9.11 10.98 -13.97
C GLU B 217 -9.68 11.14 -12.56
N SER B 218 -8.80 11.14 -11.55
CA SER B 218 -9.26 11.28 -10.17
C SER B 218 -9.96 12.60 -9.95
N GLY B 219 -9.45 13.68 -10.55
CA GLY B 219 -10.09 14.97 -10.39
C GLY B 219 -11.41 15.07 -11.12
N LEU B 220 -11.44 14.61 -12.37
CA LEU B 220 -12.67 14.64 -13.15
C LEU B 220 -13.75 13.77 -12.52
N LYS B 221 -13.37 12.60 -12.02
CA LYS B 221 -14.36 11.69 -11.44
C LYS B 221 -14.83 12.18 -10.07
N THR B 222 -14.00 12.97 -9.37
CA THR B 222 -14.43 13.52 -8.09
C THR B 222 -15.58 14.52 -8.30
N ILE B 223 -15.46 15.39 -9.30
CA ILE B 223 -16.51 16.38 -9.56
C ILE B 223 -17.82 15.69 -9.86
N LEU B 224 -17.82 14.75 -10.81
CA LEU B 224 -19.04 14.05 -11.18
C LEU B 224 -19.63 13.30 -10.00
N GLN B 225 -18.79 12.59 -9.24
CA GLN B 225 -19.26 11.90 -8.04
C GLN B 225 -19.89 12.87 -7.07
N CYS B 226 -19.33 14.08 -6.94
CA CYS B 226 -19.92 15.09 -6.08
C CYS B 226 -21.21 15.64 -6.66
N ALA B 227 -21.35 15.63 -7.99
CA ALA B 227 -22.61 16.06 -8.60
C ALA B 227 -23.69 15.01 -8.41
N LEU B 228 -23.33 13.73 -8.46
CA LEU B 228 -24.31 12.67 -8.24
C LEU B 228 -24.72 12.58 -6.78
N ASN B 229 -23.74 12.39 -5.89
CA ASN B 229 -24.02 12.28 -4.47
C ASN B 229 -22.73 12.67 -3.74
N ARG B 230 -22.65 13.92 -3.30
CA ARG B 230 -21.43 14.40 -2.66
C ARG B 230 -21.15 13.66 -1.34
N PRO B 231 -22.10 13.49 -0.41
CA PRO B 231 -21.78 12.72 0.80
C PRO B 231 -21.40 11.28 0.53
N ALA B 232 -21.76 10.72 -0.63
CA ALA B 232 -21.33 9.36 -0.95
C ALA B 232 -19.88 9.32 -1.40
N PHE B 233 -19.36 10.42 -1.95
CA PHE B 233 -17.97 10.45 -2.36
C PHE B 233 -17.04 10.42 -1.15
N PHE B 234 -17.32 11.27 -0.15
CA PHE B 234 -16.55 11.22 1.09
C PHE B 234 -16.74 9.90 1.80
N ALA B 235 -17.93 9.30 1.69
CA ALA B 235 -18.16 7.98 2.27
C ALA B 235 -17.30 6.93 1.60
N GLU B 236 -17.11 7.04 0.27
CA GLU B 236 -16.26 6.09 -0.42
C GLU B 236 -14.79 6.31 -0.10
N ARG B 237 -14.36 7.58 -0.06
CA ARG B 237 -12.96 7.87 0.24
C ARG B 237 -12.62 7.51 1.68
N LEU B 238 -13.58 7.66 2.60
CA LEU B 238 -13.35 7.26 3.99
C LEU B 238 -13.10 5.76 4.09
N TYR B 239 -13.91 4.97 3.40
CA TYR B 239 -13.78 3.52 3.45
C TYR B 239 -12.47 3.07 2.82
N TYR B 240 -12.10 3.66 1.68
CA TYR B 240 -10.84 3.31 1.04
C TYR B 240 -9.63 3.79 1.83
N ALA B 241 -9.82 4.75 2.74
CA ALA B 241 -8.77 5.16 3.66
C ALA B 241 -8.68 4.25 4.88
N MET B 242 -9.52 3.22 4.97
CA MET B 242 -9.48 2.28 6.07
C MET B 242 -9.36 0.82 5.63
N LYS B 243 -9.87 0.46 4.45
CA LYS B 243 -9.73 -0.91 3.97
C LYS B 243 -8.27 -1.23 3.68
N GLY B 244 -7.80 -2.36 4.18
CA GLY B 244 -6.43 -2.77 4.04
C GLY B 244 -5.70 -2.82 5.38
N ALA B 245 -4.42 -3.18 5.29
CA ALA B 245 -3.58 -3.37 6.46
C ALA B 245 -3.07 -2.01 6.94
N GLY B 246 -3.90 -1.35 7.74
CA GLY B 246 -3.57 -0.08 8.34
C GLY B 246 -4.56 0.99 7.96
N THR B 247 -4.16 2.24 8.20
CA THR B 247 -5.06 3.36 8.02
C THR B 247 -4.31 4.57 7.48
N ASP B 248 -4.82 5.12 6.38
CA ASP B 248 -4.47 6.47 5.96
C ASP B 248 -5.12 7.46 6.92
N ASP B 249 -4.42 7.77 8.02
CA ASP B 249 -5.00 8.64 9.05
C ASP B 249 -5.10 10.09 8.59
N SER B 250 -4.32 10.49 7.58
CA SER B 250 -4.40 11.86 7.08
C SER B 250 -5.75 12.11 6.40
N THR B 251 -6.19 11.18 5.56
CA THR B 251 -7.47 11.35 4.86
C THR B 251 -8.64 11.21 5.83
N LEU B 252 -8.62 10.16 6.66
CA LEU B 252 -9.72 9.93 7.61
C LEU B 252 -9.92 11.13 8.52
N VAL B 253 -8.83 11.71 9.02
CA VAL B 253 -8.95 12.84 9.93
C VAL B 253 -9.48 14.06 9.19
N ARG B 254 -8.89 14.39 8.04
CA ARG B 254 -9.27 15.62 7.35
C ARG B 254 -10.70 15.53 6.83
N ILE B 255 -11.09 14.39 6.25
CA ILE B 255 -12.46 14.24 5.75
C ILE B 255 -13.46 14.38 6.89
N VAL B 256 -13.20 13.71 8.01
CA VAL B 256 -14.10 13.78 9.16
C VAL B 256 -14.18 15.22 9.67
N VAL B 257 -13.03 15.85 9.89
CA VAL B 257 -13.01 17.20 10.47
C VAL B 257 -13.67 18.20 9.52
N THR B 258 -13.25 18.19 8.25
CA THR B 258 -13.73 19.19 7.30
C THR B 258 -15.24 19.07 7.09
N ARG B 259 -15.75 17.85 7.01
CA ARG B 259 -17.17 17.62 6.75
C ARG B 259 -17.99 17.46 8.02
N SER B 260 -17.36 17.57 9.20
CA SER B 260 -18.04 17.25 10.46
C SER B 260 -19.31 18.06 10.63
N GLU B 261 -19.24 19.37 10.38
CA GLU B 261 -20.39 20.26 10.56
C GLU B 261 -21.03 20.65 9.24
N ILE B 262 -20.82 19.87 8.18
CA ILE B 262 -21.42 20.17 6.88
C ILE B 262 -22.44 19.09 6.50
N ASP B 263 -21.98 17.84 6.37
CA ASP B 263 -22.87 16.77 5.96
C ASP B 263 -22.40 15.40 6.45
N LEU B 264 -21.69 15.35 7.60
CA LEU B 264 -21.20 14.09 8.11
C LEU B 264 -22.33 13.13 8.44
N VAL B 265 -23.52 13.66 8.76
CA VAL B 265 -24.67 12.79 8.98
C VAL B 265 -25.02 12.05 7.70
N GLN B 266 -25.12 12.76 6.58
CA GLN B 266 -25.37 12.12 5.30
C GLN B 266 -24.24 11.17 4.92
N ILE B 267 -23.00 11.57 5.22
CA ILE B 267 -21.86 10.68 5.00
C ILE B 267 -22.05 9.38 5.77
N LYS B 268 -22.55 9.49 7.01
CA LYS B 268 -22.81 8.28 7.79
C LYS B 268 -23.92 7.45 7.17
N GLN B 269 -24.99 8.10 6.72
CA GLN B 269 -26.09 7.38 6.06
C GLN B 269 -25.58 6.63 4.84
N MET B 270 -24.91 7.35 3.92
CA MET B 270 -24.36 6.70 2.73
C MET B 270 -23.41 5.58 3.10
N PHE B 271 -22.52 5.83 4.07
CA PHE B 271 -21.58 4.81 4.50
C PHE B 271 -22.31 3.57 5.01
N ALA B 272 -23.38 3.77 5.77
CA ALA B 272 -24.18 2.64 6.23
C ALA B 272 -24.80 1.89 5.05
N GLN B 273 -25.52 2.61 4.18
CA GLN B 273 -26.16 1.98 3.04
C GLN B 273 -25.17 1.29 2.14
N MET B 274 -23.99 1.89 1.94
CA MET B 274 -23.05 1.36 0.95
C MET B 274 -22.32 0.12 1.45
N TYR B 275 -22.05 0.02 2.75
CA TYR B 275 -21.08 -0.95 3.24
C TYR B 275 -21.63 -1.94 4.27
N GLN B 276 -22.93 -1.87 4.60
CA GLN B 276 -23.54 -2.77 5.58
C GLN B 276 -22.70 -2.85 6.85
N LYS B 277 -22.30 -1.67 7.33
CA LYS B 277 -21.33 -1.52 8.41
C LYS B 277 -21.12 -0.04 8.68
N THR B 278 -21.42 0.42 9.89
CA THR B 278 -21.40 1.84 10.18
C THR B 278 -19.99 2.41 10.04
N LEU B 279 -19.92 3.73 9.87
CA LEU B 279 -18.63 4.40 9.81
C LEU B 279 -17.88 4.31 11.13
N GLY B 280 -18.61 4.28 12.25
CA GLY B 280 -17.95 4.11 13.53
C GLY B 280 -17.31 2.75 13.68
N THR B 281 -18.03 1.69 13.28
CA THR B 281 -17.50 0.34 13.40
C THR B 281 -16.21 0.17 12.60
N MET B 282 -16.20 0.67 11.36
CA MET B 282 -14.96 0.64 10.58
C MET B 282 -13.86 1.43 11.27
N ILE B 283 -14.20 2.57 11.87
CA ILE B 283 -13.21 3.35 12.61
C ILE B 283 -12.78 2.61 13.86
N ALA B 284 -13.75 2.10 14.63
CA ALA B 284 -13.46 1.36 15.85
C ALA B 284 -12.51 0.20 15.60
N GLY B 285 -12.57 -0.39 14.40
CA GLY B 285 -11.69 -1.50 14.08
C GLY B 285 -10.31 -1.11 13.59
N ASP B 286 -10.13 0.12 13.12
CA ASP B 286 -8.88 0.53 12.49
C ASP B 286 -8.08 1.56 13.26
N THR B 287 -8.62 2.14 14.33
CA THR B 287 -7.93 3.16 15.10
C THR B 287 -7.85 2.69 16.55
N SER B 288 -6.98 3.35 17.33
CA SER B 288 -6.80 2.95 18.72
C SER B 288 -6.47 4.17 19.59
N GLY B 289 -6.64 3.99 20.88
CA GLY B 289 -6.26 5.00 21.86
C GLY B 289 -7.26 6.14 21.97
N ASP B 290 -6.79 7.23 22.60
CA ASP B 290 -7.60 8.44 22.67
C ASP B 290 -7.94 8.95 21.27
N TYR B 291 -7.01 8.79 20.33
CA TYR B 291 -7.26 9.16 18.94
C TYR B 291 -8.52 8.48 18.40
N ARG B 292 -8.68 7.18 18.63
CA ARG B 292 -9.96 6.52 18.35
C ARG B 292 -11.09 7.13 19.16
N ARG B 293 -10.86 7.35 20.46
CA ARG B 293 -11.92 7.86 21.31
C ARG B 293 -12.46 9.18 20.80
N LEU B 294 -11.58 10.01 20.22
CA LEU B 294 -12.03 11.29 19.71
C LEU B 294 -12.79 11.14 18.39
N LEU B 295 -12.30 10.28 17.49
CA LEU B 295 -12.98 10.09 16.21
C LEU B 295 -14.40 9.61 16.40
N LEU B 296 -14.61 8.64 17.30
CA LEU B 296 -15.96 8.19 17.59
C LEU B 296 -16.81 9.28 18.23
N ALA B 297 -16.18 10.17 19.00
CA ALA B 297 -16.92 11.26 19.62
C ALA B 297 -17.48 12.21 18.56
N ILE B 298 -16.65 12.58 17.58
CA ILE B 298 -17.12 13.44 16.50
C ILE B 298 -18.17 12.70 15.66
N VAL B 299 -17.78 11.56 15.09
CA VAL B 299 -18.67 10.82 14.19
C VAL B 299 -20.00 10.54 14.86
N GLY B 300 -20.01 10.43 16.19
CA GLY B 300 -21.20 10.63 17.00
C GLY B 300 -22.40 9.73 16.78
N GLN B 301 -23.51 10.06 17.44
CA GLN B 301 -24.72 9.19 17.33
C GLN B 301 -25.83 9.93 16.58
N ILE C 1 -15.60 -11.86 -18.95
CA ILE C 1 -15.09 -11.04 -20.05
C ILE C 1 -14.50 -9.76 -19.49
N ARG C 2 -15.29 -9.05 -18.67
CA ARG C 2 -14.78 -7.85 -18.01
C ARG C 2 -13.67 -8.20 -17.03
N ASP C 3 -13.86 -9.28 -16.25
CA ASP C 3 -12.86 -9.68 -15.27
C ASP C 3 -11.56 -10.12 -15.92
N ALA C 4 -11.66 -10.86 -17.03
CA ALA C 4 -10.47 -11.29 -17.75
C ALA C 4 -9.60 -10.11 -18.17
N GLU C 5 -10.24 -8.98 -18.51
CA GLU C 5 -9.49 -7.81 -18.96
C GLU C 5 -8.92 -7.03 -17.79
N ILE C 6 -9.62 -6.99 -16.65
CA ILE C 6 -9.05 -6.41 -15.45
C ILE C 6 -7.79 -7.15 -15.06
N LEU C 7 -7.86 -8.48 -15.06
CA LEU C 7 -6.70 -9.31 -14.75
C LEU C 7 -5.57 -9.07 -15.76
N ARG C 8 -5.92 -9.04 -17.05
CA ARG C 8 -4.93 -8.75 -18.08
C ARG C 8 -4.22 -7.43 -17.83
N LYS C 9 -5.01 -6.36 -17.64
CA LYS C 9 -4.44 -5.05 -17.36
C LYS C 9 -3.60 -5.07 -16.09
N ALA C 10 -3.96 -5.92 -15.13
CA ALA C 10 -3.20 -6.00 -13.90
C ALA C 10 -1.84 -6.64 -14.12
N MET C 11 -1.71 -7.47 -15.16
CA MET C 11 -0.47 -8.19 -15.43
C MET C 11 0.33 -7.61 -16.59
N LYS C 12 -0.33 -6.99 -17.57
CA LYS C 12 0.37 -6.48 -18.73
C LYS C 12 1.33 -5.36 -18.34
N GLY C 13 2.52 -5.39 -18.93
CA GLY C 13 3.60 -4.55 -18.48
C GLY C 13 4.33 -5.18 -17.31
N PHE C 14 5.48 -4.58 -16.98
CA PHE C 14 6.31 -5.14 -15.94
C PHE C 14 5.66 -4.93 -14.57
N GLY C 15 5.69 -5.97 -13.74
CA GLY C 15 5.07 -5.92 -12.43
C GLY C 15 3.60 -6.32 -12.48
N THR C 16 3.01 -6.44 -11.29
CA THR C 16 1.66 -6.96 -11.16
C THR C 16 0.86 -6.11 -10.18
N ASP C 17 -0.38 -5.81 -10.54
CA ASP C 17 -1.31 -5.08 -9.68
C ASP C 17 -2.03 -6.08 -8.76
N GLU C 18 -1.29 -6.53 -7.74
CA GLU C 18 -1.80 -7.53 -6.83
C GLU C 18 -3.12 -7.10 -6.20
N GLN C 19 -3.23 -5.83 -5.83
CA GLN C 19 -4.46 -5.30 -5.28
C GLN C 19 -5.63 -5.53 -6.24
N ALA C 20 -5.38 -5.44 -7.54
CA ALA C 20 -6.45 -5.57 -8.51
C ALA C 20 -6.90 -7.01 -8.66
N ILE C 21 -5.94 -7.95 -8.69
CA ILE C 21 -6.30 -9.36 -8.87
C ILE C 21 -6.99 -9.90 -7.63
N VAL C 22 -6.55 -9.46 -6.45
CA VAL C 22 -7.20 -9.88 -5.21
C VAL C 22 -8.67 -9.48 -5.21
N ASP C 23 -8.97 -8.28 -5.72
CA ASP C 23 -10.32 -7.76 -5.66
C ASP C 23 -11.28 -8.42 -6.65
N VAL C 24 -10.77 -9.17 -7.63
CA VAL C 24 -11.64 -10.01 -8.45
C VAL C 24 -11.71 -11.42 -7.89
N VAL C 25 -10.56 -11.96 -7.47
CA VAL C 25 -10.49 -13.35 -7.03
C VAL C 25 -11.34 -13.56 -5.78
N ALA C 26 -11.34 -12.59 -4.87
CA ALA C 26 -12.04 -12.73 -3.60
C ALA C 26 -13.49 -12.24 -3.65
N ASN C 27 -13.98 -11.82 -4.82
CA ASN C 27 -15.37 -11.42 -4.97
C ASN C 27 -16.10 -12.29 -5.99
N ARG C 28 -15.50 -13.42 -6.37
CA ARG C 28 -16.12 -14.38 -7.28
C ARG C 28 -15.99 -15.77 -6.68
N SER C 29 -17.09 -16.52 -6.67
CA SER C 29 -17.04 -17.90 -6.22
C SER C 29 -16.14 -18.72 -7.13
N ASN C 30 -15.77 -19.92 -6.66
CA ASN C 30 -14.94 -20.82 -7.45
C ASN C 30 -15.57 -21.09 -8.81
N ASP C 31 -16.90 -21.17 -8.86
CA ASP C 31 -17.59 -21.40 -10.12
C ASP C 31 -17.39 -20.24 -11.10
N GLN C 32 -17.48 -19.01 -10.60
CA GLN C 32 -17.28 -17.85 -11.45
C GLN C 32 -15.81 -17.72 -11.86
N ARG C 33 -14.90 -18.10 -10.97
CA ARG C 33 -13.48 -18.12 -11.31
C ARG C 33 -13.19 -19.04 -12.49
N GLN C 34 -14.09 -19.98 -12.78
CA GLN C 34 -13.93 -20.84 -13.94
C GLN C 34 -14.36 -20.15 -15.22
N LYS C 35 -15.50 -19.46 -15.19
CA LYS C 35 -15.96 -18.74 -16.37
C LYS C 35 -15.04 -17.57 -16.70
N ILE C 36 -14.54 -16.88 -15.67
CA ILE C 36 -13.52 -15.86 -15.90
C ILE C 36 -12.30 -16.47 -16.56
N LYS C 37 -11.89 -17.66 -16.11
CA LYS C 37 -10.78 -18.36 -16.74
C LYS C 37 -11.09 -18.66 -18.20
N ALA C 38 -12.33 -19.03 -18.51
CA ALA C 38 -12.70 -19.27 -19.90
C ALA C 38 -12.71 -17.98 -20.70
N ALA C 39 -13.26 -16.90 -20.12
CA ALA C 39 -13.30 -15.61 -20.82
C ALA C 39 -11.90 -15.13 -21.18
N PHE C 40 -10.94 -15.31 -20.27
CA PHE C 40 -9.55 -14.91 -20.53
C PHE C 40 -8.99 -15.64 -21.75
N LYS C 41 -8.98 -16.97 -21.69
CA LYS C 41 -8.45 -17.77 -22.79
C LYS C 41 -9.12 -17.44 -24.10
N THR C 42 -10.45 -17.25 -24.08
CA THR C 42 -11.17 -16.89 -25.29
C THR C 42 -10.74 -15.51 -25.79
N SER C 43 -10.60 -14.56 -24.88
CA SER C 43 -10.31 -13.19 -25.29
C SER C 43 -8.89 -13.03 -25.80
N TYR C 44 -7.94 -13.73 -25.20
CA TYR C 44 -6.53 -13.44 -25.43
C TYR C 44 -5.70 -14.62 -25.95
N GLY C 45 -6.30 -15.78 -26.12
CA GLY C 45 -5.52 -16.94 -26.54
C GLY C 45 -4.40 -17.29 -25.62
N LYS C 46 -4.50 -16.92 -24.34
CA LYS C 46 -3.47 -17.16 -23.33
C LYS C 46 -4.13 -17.82 -22.12
N ASP C 47 -3.39 -18.71 -21.48
CA ASP C 47 -3.89 -19.36 -20.27
C ASP C 47 -3.74 -18.40 -19.09
N LEU C 48 -4.85 -18.15 -18.39
CA LEU C 48 -4.80 -17.27 -17.23
C LEU C 48 -3.89 -17.82 -16.15
N ILE C 49 -3.97 -19.12 -15.87
CA ILE C 49 -3.18 -19.71 -14.80
C ILE C 49 -1.69 -19.63 -15.10
N LYS C 50 -1.31 -19.92 -16.34
CA LYS C 50 0.10 -19.78 -16.73
C LYS C 50 0.53 -18.33 -16.72
N ASP C 51 -0.38 -17.40 -17.05
CA ASP C 51 -0.08 -15.99 -16.89
C ASP C 51 0.18 -15.65 -15.42
N LEU C 52 -0.64 -16.18 -14.53
CA LEU C 52 -0.49 -15.87 -13.11
C LEU C 52 0.81 -16.42 -12.56
N LYS C 53 1.11 -17.69 -12.86
CA LYS C 53 2.37 -18.30 -12.42
C LYS C 53 3.56 -17.44 -12.80
N SER C 54 3.51 -16.82 -13.99
CA SER C 54 4.62 -16.00 -14.44
C SER C 54 4.64 -14.63 -13.76
N GLU C 55 3.46 -14.13 -13.37
CA GLU C 55 3.35 -12.79 -12.79
C GLU C 55 3.17 -12.81 -11.28
N LEU C 56 3.50 -13.94 -10.63
CA LEU C 56 3.39 -14.04 -9.18
C LEU C 56 4.54 -14.87 -8.64
N SER C 57 4.62 -14.98 -7.31
CA SER C 57 5.65 -15.77 -6.66
C SER C 57 5.28 -15.96 -5.20
N GLY C 58 5.90 -16.99 -4.58
CA GLY C 58 5.79 -17.19 -3.15
C GLY C 58 4.42 -17.66 -2.69
N ASN C 59 4.09 -17.31 -1.44
CA ASN C 59 2.78 -17.64 -0.89
C ASN C 59 1.66 -16.97 -1.67
N MET C 60 1.95 -15.84 -2.33
CA MET C 60 0.95 -15.17 -3.15
C MET C 60 0.57 -16.02 -4.36
N GLU C 61 1.57 -16.59 -5.04
CA GLU C 61 1.28 -17.51 -6.14
C GLU C 61 0.52 -18.73 -5.65
N GLU C 62 0.86 -19.24 -4.48
CA GLU C 62 0.24 -20.47 -3.99
C GLU C 62 -1.23 -20.25 -3.66
N LEU C 63 -1.57 -19.10 -3.09
CA LEU C 63 -2.97 -18.86 -2.74
C LEU C 63 -3.82 -18.62 -3.99
N ILE C 64 -3.30 -17.81 -4.93
CA ILE C 64 -4.08 -17.48 -6.13
C ILE C 64 -4.31 -18.73 -6.97
N LEU C 65 -3.26 -19.52 -7.20
CA LEU C 65 -3.39 -20.73 -8.01
C LEU C 65 -4.35 -21.73 -7.37
N ALA C 66 -4.46 -21.72 -6.03
CA ALA C 66 -5.35 -22.65 -5.35
C ALA C 66 -6.81 -22.25 -5.46
N LEU C 67 -7.10 -20.95 -5.45
CA LEU C 67 -8.49 -20.49 -5.53
C LEU C 67 -9.07 -20.69 -6.92
N PHE C 68 -8.23 -20.85 -7.94
CA PHE C 68 -8.69 -20.95 -9.31
C PHE C 68 -8.93 -22.39 -9.77
N MET C 69 -8.52 -23.37 -8.98
CA MET C 69 -8.85 -24.74 -9.33
C MET C 69 -10.27 -25.07 -8.86
N PRO C 70 -11.00 -25.89 -9.61
CA PRO C 70 -12.25 -26.44 -9.08
C PRO C 70 -11.95 -27.35 -7.91
N PRO C 71 -12.86 -27.42 -6.92
CA PRO C 71 -12.52 -28.12 -5.67
C PRO C 71 -12.05 -29.56 -5.87
N THR C 72 -12.75 -30.34 -6.68
CA THR C 72 -12.35 -31.72 -6.91
C THR C 72 -10.97 -31.80 -7.55
N TYR C 73 -10.69 -30.91 -8.52
CA TYR C 73 -9.36 -30.89 -9.13
C TYR C 73 -8.30 -30.50 -8.12
N TYR C 74 -8.55 -29.45 -7.34
CA TYR C 74 -7.58 -29.00 -6.34
C TYR C 74 -7.23 -30.13 -5.37
N ASP C 75 -8.26 -30.80 -4.82
CA ASP C 75 -8.01 -31.93 -3.95
C ASP C 75 -7.20 -33.01 -4.67
N ALA C 76 -7.59 -33.35 -5.91
CA ALA C 76 -6.87 -34.35 -6.68
C ALA C 76 -5.45 -33.88 -6.97
N TRP C 77 -5.29 -32.61 -7.39
CA TRP C 77 -3.97 -32.07 -7.69
C TRP C 77 -3.06 -32.13 -6.46
N SER C 78 -3.62 -31.90 -5.27
CA SER C 78 -2.81 -31.90 -4.05
C SER C 78 -2.30 -33.30 -3.73
N LEU C 79 -3.10 -34.33 -3.98
CA LEU C 79 -2.66 -35.70 -3.73
C LEU C 79 -1.53 -36.09 -4.66
N ARG C 80 -1.67 -35.76 -5.96
CA ARG C 80 -0.61 -36.02 -6.92
C ARG C 80 0.72 -35.43 -6.47
N LYS C 81 0.72 -34.13 -6.15
CA LYS C 81 1.95 -33.45 -5.74
C LYS C 81 2.51 -34.04 -4.45
N ALA C 82 1.65 -34.38 -3.50
CA ALA C 82 2.12 -34.90 -2.21
C ALA C 82 2.89 -36.21 -2.38
N MET C 83 2.55 -37.01 -3.39
CA MET C 83 3.26 -38.25 -3.65
C MET C 83 4.33 -38.10 -4.72
N GLN C 84 4.17 -37.16 -5.65
CA GLN C 84 5.11 -37.03 -6.75
C GLN C 84 6.49 -36.61 -6.25
N GLY C 85 7.51 -37.35 -6.65
CA GLY C 85 8.87 -37.04 -6.30
C GLY C 85 9.48 -38.09 -5.37
N ALA C 86 10.79 -37.93 -5.17
CA ALA C 86 11.59 -38.88 -4.41
C ALA C 86 11.11 -39.05 -2.98
N GLY C 87 10.19 -38.20 -2.53
CA GLY C 87 9.69 -38.27 -1.16
C GLY C 87 8.19 -38.45 -1.06
N THR C 88 7.63 -38.08 0.08
CA THR C 88 6.20 -38.22 0.33
C THR C 88 5.76 -37.20 1.37
N GLN C 89 4.59 -36.61 1.14
CA GLN C 89 4.01 -35.60 2.05
C GLN C 89 2.77 -36.21 2.69
N GLU C 90 3.00 -37.04 3.72
CA GLU C 90 1.93 -37.86 4.27
C GLU C 90 0.85 -37.04 4.95
N ARG C 91 1.20 -35.86 5.47
CA ARG C 91 0.21 -35.07 6.22
C ARG C 91 -0.87 -34.52 5.30
N VAL C 92 -0.55 -34.27 4.02
CA VAL C 92 -1.57 -33.81 3.09
C VAL C 92 -2.53 -34.94 2.75
N LEU C 93 -2.00 -36.15 2.58
CA LEU C 93 -2.84 -37.31 2.31
C LEU C 93 -3.87 -37.50 3.42
N ILE C 94 -3.43 -37.45 4.67
CA ILE C 94 -4.35 -37.57 5.80
C ILE C 94 -5.38 -36.45 5.76
N GLU C 95 -4.92 -35.21 5.57
CA GLU C 95 -5.82 -34.06 5.64
C GLU C 95 -6.94 -34.16 4.61
N ILE C 96 -6.67 -34.73 3.44
CA ILE C 96 -7.69 -34.85 2.41
C ILE C 96 -8.42 -36.18 2.56
N LEU C 97 -7.69 -37.29 2.42
CA LEU C 97 -8.35 -38.59 2.31
C LEU C 97 -9.13 -38.97 3.57
N CYS C 98 -8.68 -38.51 4.73
CA CYS C 98 -9.38 -38.84 5.98
C CYS C 98 -10.51 -37.88 6.31
N THR C 99 -10.63 -36.75 5.61
CA THR C 99 -11.66 -35.77 5.91
C THR C 99 -12.68 -35.57 4.79
N ARG C 100 -12.40 -36.03 3.58
CA ARG C 100 -13.37 -35.88 2.49
C ARG C 100 -14.40 -37.00 2.55
N THR C 101 -15.65 -36.65 2.23
CA THR C 101 -16.76 -37.57 2.31
C THR C 101 -16.78 -38.53 1.12
N ASN C 102 -17.67 -39.53 1.20
CA ASN C 102 -17.81 -40.50 0.12
C ASN C 102 -18.04 -39.81 -1.21
N GLN C 103 -18.91 -38.80 -1.23
CA GLN C 103 -19.19 -38.06 -2.47
C GLN C 103 -17.93 -37.39 -2.99
N GLU C 104 -17.21 -36.68 -2.12
CA GLU C 104 -15.97 -36.04 -2.55
C GLU C 104 -14.94 -37.06 -2.99
N ILE C 105 -14.80 -38.16 -2.23
CA ILE C 105 -13.76 -39.14 -2.51
C ILE C 105 -13.96 -39.74 -3.90
N ARG C 106 -15.19 -40.12 -4.24
CA ARG C 106 -15.45 -40.76 -5.52
C ARG C 106 -15.17 -39.81 -6.69
N GLU C 107 -15.48 -38.53 -6.51
CA GLU C 107 -15.18 -37.56 -7.56
C GLU C 107 -13.68 -37.30 -7.68
N ILE C 108 -12.93 -37.46 -6.58
CA ILE C 108 -11.49 -37.23 -6.62
C ILE C 108 -10.81 -38.35 -7.41
N VAL C 109 -11.15 -39.60 -7.13
CA VAL C 109 -10.50 -40.71 -7.82
C VAL C 109 -10.88 -40.71 -9.30
N ARG C 110 -12.07 -40.24 -9.64
CA ARG C 110 -12.44 -40.12 -11.05
C ARG C 110 -11.67 -38.99 -11.71
N CYS C 111 -11.52 -37.87 -11.01
CA CYS C 111 -10.72 -36.76 -11.55
C CYS C 111 -9.25 -37.12 -11.62
N TYR C 112 -8.72 -37.76 -10.56
CA TYR C 112 -7.32 -38.19 -10.56
C TYR C 112 -7.01 -39.09 -11.75
N GLN C 113 -7.97 -39.91 -12.16
CA GLN C 113 -7.72 -40.85 -13.25
C GLN C 113 -7.79 -40.17 -14.61
N SER C 114 -8.84 -39.39 -14.87
CA SER C 114 -9.03 -38.82 -16.20
C SER C 114 -8.08 -37.64 -16.44
N GLU C 115 -7.79 -36.86 -15.40
CA GLU C 115 -6.98 -35.65 -15.59
C GLU C 115 -5.49 -35.96 -15.62
N PHE C 116 -5.02 -36.84 -14.74
CA PHE C 116 -3.61 -37.17 -14.66
C PHE C 116 -3.25 -38.48 -15.37
N GLY C 117 -4.23 -39.30 -15.71
CA GLY C 117 -3.97 -40.57 -16.36
C GLY C 117 -3.50 -41.67 -15.44
N ARG C 118 -3.59 -41.49 -14.13
CA ARG C 118 -3.04 -42.43 -13.17
C ARG C 118 -4.08 -42.82 -12.14
N ASP C 119 -3.86 -43.98 -11.52
CA ASP C 119 -4.76 -44.52 -10.52
C ASP C 119 -4.33 -44.04 -9.14
N LEU C 120 -5.22 -43.33 -8.44
CA LEU C 120 -4.89 -42.81 -7.12
C LEU C 120 -4.58 -43.92 -6.14
N GLU C 121 -5.40 -44.98 -6.16
CA GLU C 121 -5.13 -46.14 -5.30
C GLU C 121 -3.76 -46.73 -5.60
N LYS C 122 -3.47 -46.98 -6.87
CA LYS C 122 -2.16 -47.49 -7.25
C LYS C 122 -1.05 -46.56 -6.79
N ASP C 123 -1.28 -45.25 -6.89
CA ASP C 123 -0.26 -44.28 -6.52
C ASP C 123 0.02 -44.30 -5.01
N ILE C 124 -1.03 -44.45 -4.20
CA ILE C 124 -0.85 -44.41 -2.76
C ILE C 124 -0.04 -45.60 -2.28
N ARG C 125 -0.27 -46.78 -2.86
CA ARG C 125 0.42 -47.98 -2.42
C ARG C 125 1.93 -47.87 -2.64
N SER C 126 2.34 -47.20 -3.70
CA SER C 126 3.76 -47.12 -4.04
C SER C 126 4.50 -46.09 -3.20
N ASP C 127 3.80 -45.07 -2.71
CA ASP C 127 4.42 -44.02 -1.92
C ASP C 127 4.29 -44.24 -0.42
N THR C 128 3.61 -45.30 0.01
CA THR C 128 3.43 -45.59 1.42
C THR C 128 3.65 -47.08 1.66
N SER C 129 3.51 -47.49 2.93
CA SER C 129 3.71 -48.87 3.31
C SER C 129 3.02 -49.12 4.64
N GLY C 130 2.92 -50.40 5.01
CA GLY C 130 2.40 -50.75 6.32
C GLY C 130 0.90 -50.56 6.45
N HIS C 131 0.47 -50.22 7.66
CA HIS C 131 -0.94 -49.97 7.91
C HIS C 131 -1.38 -48.57 7.48
N PHE C 132 -0.43 -47.66 7.26
CA PHE C 132 -0.79 -46.36 6.70
C PHE C 132 -1.29 -46.52 5.27
N GLU C 133 -0.58 -47.32 4.47
CA GLU C 133 -1.11 -47.74 3.18
C GLU C 133 -2.48 -48.39 3.35
N ARG C 134 -2.60 -49.29 4.33
CA ARG C 134 -3.88 -49.97 4.57
C ARG C 134 -4.97 -49.00 4.96
N LEU C 135 -4.63 -47.89 5.61
CA LEU C 135 -5.65 -46.92 6.00
C LEU C 135 -6.05 -46.03 4.82
N LEU C 136 -5.06 -45.55 4.06
CA LEU C 136 -5.37 -44.68 2.93
C LEU C 136 -6.09 -45.43 1.82
N VAL C 137 -5.81 -46.72 1.65
CA VAL C 137 -6.55 -47.51 0.66
C VAL C 137 -8.02 -47.60 1.03
N SER C 138 -8.33 -47.64 2.32
CA SER C 138 -9.71 -47.67 2.77
C SER C 138 -10.42 -46.35 2.48
N MET C 139 -9.74 -45.23 2.72
CA MET C 139 -10.33 -43.92 2.41
C MET C 139 -10.64 -43.77 0.94
N CYS C 140 -9.83 -44.37 0.06
CA CYS C 140 -10.01 -44.19 -1.37
C CYS C 140 -11.31 -44.79 -1.86
N GLN C 141 -11.75 -45.89 -1.23
CA GLN C 141 -12.96 -46.58 -1.69
C GLN C 141 -14.18 -45.67 -1.66
N GLY C 142 -14.16 -44.62 -0.84
CA GLY C 142 -15.29 -43.73 -0.71
C GLY C 142 -16.54 -44.52 -0.38
N ASN C 143 -16.45 -45.33 0.67
CA ASN C 143 -17.50 -46.31 0.95
C ASN C 143 -17.81 -46.38 2.44
N ARG C 144 -17.64 -45.28 3.16
CA ARG C 144 -18.10 -45.23 4.54
C ARG C 144 -19.62 -45.36 4.56
N ASP C 145 -20.13 -45.98 5.63
CA ASP C 145 -21.56 -46.24 5.72
C ASP C 145 -22.36 -44.94 5.74
N GLU C 146 -23.36 -44.84 4.88
CA GLU C 146 -24.17 -43.64 4.76
C GLU C 146 -25.21 -43.54 5.87
N ASN C 147 -25.53 -44.63 6.54
CA ASN C 147 -26.62 -44.65 7.51
C ASN C 147 -26.29 -43.78 8.72
N GLN C 148 -27.27 -42.99 9.16
CA GLN C 148 -27.10 -42.10 10.29
C GLN C 148 -27.81 -42.54 11.55
N SER C 149 -28.60 -43.62 11.49
CA SER C 149 -29.25 -44.14 12.68
C SER C 149 -28.26 -44.97 13.51
N ILE C 150 -28.52 -45.02 14.81
CA ILE C 150 -27.57 -45.57 15.78
C ILE C 150 -27.99 -46.97 16.18
N ASN C 151 -27.03 -47.90 16.14
CA ASN C 151 -27.21 -49.26 16.64
C ASN C 151 -26.44 -49.36 17.95
N HIS C 152 -27.18 -49.40 19.06
CA HIS C 152 -26.53 -49.37 20.37
C HIS C 152 -25.88 -50.69 20.74
N GLN C 153 -26.39 -51.81 20.22
CA GLN C 153 -25.73 -53.09 20.45
C GLN C 153 -24.49 -53.26 19.57
N MET C 154 -24.52 -52.69 18.37
CA MET C 154 -23.34 -52.69 17.50
C MET C 154 -22.25 -51.77 18.06
N ALA C 155 -22.64 -50.71 18.78
CA ALA C 155 -21.67 -49.75 19.28
C ALA C 155 -20.89 -50.29 20.47
N GLN C 156 -21.56 -50.99 21.39
CA GLN C 156 -20.86 -51.60 22.51
C GLN C 156 -20.03 -52.78 22.06
N GLU C 157 -20.55 -53.58 21.12
CA GLU C 157 -19.76 -54.65 20.53
C GLU C 157 -18.47 -54.10 19.94
N ASP C 158 -18.57 -53.08 19.08
CA ASP C 158 -17.39 -52.54 18.41
C ASP C 158 -16.46 -51.84 19.40
N ALA C 159 -17.03 -51.13 20.38
CA ALA C 159 -16.21 -50.53 21.42
C ALA C 159 -15.39 -51.60 22.14
N GLN C 160 -15.98 -52.78 22.33
CA GLN C 160 -15.28 -53.87 23.00
C GLN C 160 -14.21 -54.47 22.09
N ARG C 161 -14.49 -54.59 20.80
CA ARG C 161 -13.45 -55.01 19.86
C ARG C 161 -12.29 -54.04 19.86
N LEU C 162 -12.58 -52.73 19.89
CA LEU C 162 -11.53 -51.73 19.94
C LEU C 162 -10.66 -51.89 21.16
N TYR C 163 -11.26 -52.24 22.31
CA TYR C 163 -10.46 -52.51 23.49
C TYR C 163 -9.64 -53.79 23.32
N GLN C 164 -10.28 -54.86 22.86
CA GLN C 164 -9.58 -56.13 22.71
C GLN C 164 -8.48 -56.06 21.67
N ALA C 165 -8.63 -55.18 20.67
CA ALA C 165 -7.62 -55.05 19.62
C ALA C 165 -6.46 -54.14 20.02
N GLY C 166 -6.60 -53.35 21.07
CA GLY C 166 -5.54 -52.44 21.47
C GLY C 166 -5.06 -52.62 22.88
N GLU C 167 -5.77 -52.02 23.84
CA GLU C 167 -5.34 -52.04 25.23
C GLU C 167 -5.29 -53.46 25.78
N GLY C 168 -6.40 -54.19 25.68
CA GLY C 168 -6.52 -55.49 26.30
C GLY C 168 -5.74 -56.60 25.63
N ARG C 169 -4.80 -56.26 24.75
CA ARG C 169 -3.99 -57.27 24.08
C ARG C 169 -2.58 -56.74 23.87
N LEU C 170 -1.62 -57.67 23.94
CA LEU C 170 -0.22 -57.33 23.67
C LEU C 170 -0.08 -56.86 22.23
N GLY C 171 0.69 -55.80 22.03
CA GLY C 171 0.75 -55.24 20.69
C GLY C 171 -0.57 -54.61 20.32
N THR C 172 -0.86 -54.60 19.02
CA THR C 172 -2.10 -53.99 18.53
C THR C 172 -2.57 -54.73 17.29
N ASP C 173 -3.88 -55.00 17.24
CA ASP C 173 -4.52 -55.44 16.01
C ASP C 173 -4.92 -54.18 15.24
N GLU C 174 -3.95 -53.63 14.51
CA GLU C 174 -4.19 -52.43 13.72
C GLU C 174 -5.30 -52.63 12.70
N SER C 175 -5.58 -53.87 12.30
CA SER C 175 -6.61 -54.12 11.29
C SER C 175 -8.01 -53.93 11.84
N CYS C 176 -8.21 -54.14 13.14
CA CYS C 176 -9.54 -53.95 13.72
C CYS C 176 -9.87 -52.49 13.94
N PHE C 177 -8.86 -51.66 14.23
CA PHE C 177 -9.09 -50.21 14.28
C PHE C 177 -9.47 -49.69 12.90
N ASN C 178 -8.73 -50.11 11.86
CA ASN C 178 -9.03 -49.69 10.50
C ASN C 178 -10.46 -50.02 10.12
N MET C 179 -10.89 -51.27 10.36
CA MET C 179 -12.21 -51.72 9.97
C MET C 179 -13.30 -50.80 10.53
N ILE C 180 -13.29 -50.62 11.85
CA ILE C 180 -14.35 -49.86 12.50
C ILE C 180 -14.25 -48.38 12.16
N LEU C 181 -13.05 -47.81 12.29
CA LEU C 181 -12.89 -46.37 12.07
C LEU C 181 -13.10 -45.98 10.60
N ALA C 182 -13.07 -46.94 9.67
CA ALA C 182 -13.27 -46.61 8.26
C ALA C 182 -14.68 -46.90 7.75
N THR C 183 -15.36 -47.92 8.29
CA THR C 183 -16.65 -48.34 7.74
C THR C 183 -17.84 -47.71 8.45
N ARG C 184 -17.80 -47.58 9.77
CA ARG C 184 -18.96 -47.07 10.49
C ARG C 184 -19.13 -45.58 10.26
N SER C 185 -20.38 -45.14 10.22
CA SER C 185 -20.70 -43.73 9.96
C SER C 185 -20.29 -42.85 11.14
N PHE C 186 -20.34 -41.54 10.91
CA PHE C 186 -19.92 -40.58 11.94
C PHE C 186 -20.77 -40.70 13.21
N PRO C 187 -22.11 -40.61 13.16
CA PRO C 187 -22.87 -40.77 14.41
C PRO C 187 -22.68 -42.14 15.03
N GLN C 188 -22.68 -43.20 14.23
CA GLN C 188 -22.41 -44.54 14.75
C GLN C 188 -21.03 -44.64 15.38
N LEU C 189 -20.06 -43.88 14.86
CA LEU C 189 -18.74 -43.84 15.48
C LEU C 189 -18.78 -43.09 16.80
N ARG C 190 -19.60 -42.04 16.89
CA ARG C 190 -19.74 -41.30 18.14
C ARG C 190 -20.29 -42.19 19.24
N ALA C 191 -21.25 -43.06 18.90
CA ALA C 191 -21.76 -44.01 19.89
C ALA C 191 -20.67 -44.96 20.35
N THR C 192 -19.83 -45.42 19.42
CA THR C 192 -18.73 -46.30 19.78
C THR C 192 -17.76 -45.62 20.73
N MET C 193 -17.43 -44.34 20.46
CA MET C 193 -16.53 -43.61 21.33
C MET C 193 -17.14 -43.36 22.70
N GLU C 194 -18.47 -43.27 22.78
CA GLU C 194 -19.12 -43.17 24.08
C GLU C 194 -19.14 -44.52 24.78
N ALA C 195 -19.37 -45.60 24.04
CA ALA C 195 -19.39 -46.93 24.64
C ALA C 195 -17.99 -47.40 25.00
N TYR C 196 -16.96 -46.93 24.28
CA TYR C 196 -15.60 -47.26 24.68
C TYR C 196 -15.20 -46.52 25.95
N SER C 197 -15.68 -45.28 26.11
CA SER C 197 -15.31 -44.50 27.28
C SER C 197 -15.93 -45.04 28.55
N ARG C 198 -17.23 -45.35 28.51
CA ARG C 198 -17.89 -45.95 29.67
C ARG C 198 -17.27 -47.26 30.08
N MET C 199 -16.57 -47.94 29.17
CA MET C 199 -16.08 -49.29 29.38
C MET C 199 -14.58 -49.36 29.66
N ALA C 200 -13.78 -48.48 29.07
CA ALA C 200 -12.33 -48.61 29.12
C ALA C 200 -11.66 -47.66 30.11
N ASN C 201 -12.44 -46.98 30.95
CA ASN C 201 -11.89 -46.01 31.92
C ASN C 201 -11.05 -44.95 31.23
N ARG C 202 -11.35 -44.69 29.96
CA ARG C 202 -10.51 -43.87 29.08
C ARG C 202 -11.28 -43.67 27.78
N ASP C 203 -10.87 -42.67 27.02
CA ASP C 203 -11.51 -42.38 25.74
C ASP C 203 -10.66 -42.93 24.59
N LEU C 204 -11.33 -43.18 23.46
CA LEU C 204 -10.70 -43.88 22.35
C LEU C 204 -9.52 -43.09 21.78
N LEU C 205 -9.67 -41.77 21.62
CA LEU C 205 -8.56 -40.96 21.13
C LEU C 205 -7.32 -41.14 21.99
N SER C 206 -7.50 -41.26 23.30
CA SER C 206 -6.37 -41.50 24.18
C SER C 206 -5.76 -42.88 23.94
N SER C 207 -6.59 -43.88 23.66
CA SER C 207 -6.10 -45.23 23.42
C SER C 207 -5.25 -45.29 22.15
N VAL C 208 -5.74 -44.68 21.07
CA VAL C 208 -5.04 -44.74 19.79
C VAL C 208 -3.63 -44.15 19.91
N SER C 209 -3.51 -43.01 20.61
CA SER C 209 -2.20 -42.40 20.79
C SER C 209 -1.22 -43.35 21.46
N ARG C 210 -1.71 -44.16 22.40
CA ARG C 210 -0.87 -45.13 23.09
C ARG C 210 -0.71 -46.44 22.33
N GLU C 211 -1.71 -46.83 21.55
CA GLU C 211 -1.67 -48.09 20.83
C GLU C 211 -0.97 -47.99 19.49
N PHE C 212 -1.02 -46.84 18.84
CA PHE C 212 -0.42 -46.65 17.53
C PHE C 212 0.74 -45.66 17.62
N SER C 213 1.38 -45.46 16.47
CA SER C 213 2.42 -44.44 16.33
C SER C 213 2.42 -43.98 14.88
N GLY C 214 3.29 -43.03 14.57
CA GLY C 214 3.49 -42.58 13.20
C GLY C 214 2.24 -42.12 12.47
N TYR C 215 2.29 -42.18 11.14
CA TYR C 215 1.21 -41.63 10.32
C TYR C 215 -0.10 -42.36 10.54
N VAL C 216 -0.04 -43.63 10.93
CA VAL C 216 -1.27 -44.37 11.24
C VAL C 216 -2.02 -43.71 12.37
N GLU C 217 -1.30 -43.32 13.42
CA GLU C 217 -1.94 -42.66 14.56
C GLU C 217 -2.63 -41.36 14.13
N SER C 218 -1.99 -40.61 13.23
CA SER C 218 -2.59 -39.37 12.76
C SER C 218 -3.88 -39.64 11.98
N GLY C 219 -3.83 -40.60 11.05
CA GLY C 219 -5.01 -40.87 10.24
C GLY C 219 -6.22 -41.29 11.06
N LEU C 220 -5.99 -42.18 12.03
CA LEU C 220 -7.10 -42.65 12.87
C LEU C 220 -7.58 -41.56 13.81
N LYS C 221 -6.64 -40.85 14.45
CA LYS C 221 -7.02 -39.74 15.32
C LYS C 221 -7.75 -38.66 14.54
N THR C 222 -7.34 -38.43 13.29
CA THR C 222 -8.04 -37.48 12.42
C THR C 222 -9.47 -37.93 12.17
N ILE C 223 -9.69 -39.24 12.05
CA ILE C 223 -11.03 -39.75 11.74
C ILE C 223 -11.96 -39.61 12.92
N LEU C 224 -11.47 -39.89 14.14
CA LEU C 224 -12.30 -39.73 15.33
C LEU C 224 -12.57 -38.25 15.60
N GLN C 225 -11.58 -37.39 15.39
CA GLN C 225 -11.80 -35.95 15.55
C GLN C 225 -12.84 -35.43 14.58
N CYS C 226 -12.83 -35.94 13.35
CA CYS C 226 -13.84 -35.54 12.37
C CYS C 226 -15.23 -35.96 12.82
N ALA C 227 -15.37 -37.21 13.30
CA ALA C 227 -16.67 -37.68 13.76
C ALA C 227 -17.18 -36.85 14.94
N LEU C 228 -16.27 -36.45 15.84
CA LEU C 228 -16.69 -35.70 17.02
C LEU C 228 -17.04 -34.26 16.65
N ASN C 229 -16.19 -33.61 15.87
CA ASN C 229 -16.41 -32.22 15.47
C ASN C 229 -15.44 -31.86 14.36
N ARG C 230 -15.92 -31.80 13.12
CA ARG C 230 -15.03 -31.65 11.97
C ARG C 230 -14.47 -30.23 11.84
N PRO C 231 -15.28 -29.17 11.97
CA PRO C 231 -14.67 -27.82 11.98
C PRO C 231 -13.62 -27.61 13.06
N ALA C 232 -13.77 -28.21 14.24
CA ALA C 232 -12.72 -28.09 15.24
C ALA C 232 -11.43 -28.72 14.79
N PHE C 233 -11.50 -29.74 13.94
CA PHE C 233 -10.29 -30.36 13.42
C PHE C 233 -9.51 -29.37 12.58
N PHE C 234 -10.16 -28.78 11.57
CA PHE C 234 -9.49 -27.78 10.74
C PHE C 234 -9.04 -26.58 11.57
N ALA C 235 -9.88 -26.15 12.51
CA ALA C 235 -9.49 -25.09 13.43
C ALA C 235 -8.19 -25.45 14.14
N GLU C 236 -8.13 -26.67 14.70
CA GLU C 236 -6.92 -27.13 15.37
C GLU C 236 -5.75 -27.26 14.38
N ARG C 237 -6.04 -27.51 13.10
CA ARG C 237 -4.97 -27.63 12.12
C ARG C 237 -4.48 -26.27 11.66
N LEU C 238 -5.38 -25.29 11.54
CA LEU C 238 -4.96 -23.94 11.22
C LEU C 238 -4.15 -23.33 12.35
N TYR C 239 -4.60 -23.54 13.59
CA TYR C 239 -3.91 -22.97 14.75
C TYR C 239 -2.45 -23.39 14.78
N TYR C 240 -2.18 -24.68 14.62
CA TYR C 240 -0.80 -25.15 14.63
C TYR C 240 -0.06 -24.83 13.33
N ALA C 241 -0.77 -24.43 12.28
CA ALA C 241 -0.10 -24.00 11.06
C ALA C 241 0.57 -22.64 11.21
N MET C 242 0.17 -21.85 12.22
CA MET C 242 0.71 -20.53 12.45
C MET C 242 1.34 -20.35 13.82
N LYS C 243 0.96 -21.14 14.82
CA LYS C 243 1.55 -21.04 16.14
C LYS C 243 3.05 -21.22 16.08
N GLY C 244 3.78 -20.22 16.55
CA GLY C 244 5.23 -20.30 16.62
C GLY C 244 5.91 -19.62 15.46
N ALA C 245 7.19 -19.98 15.30
CA ALA C 245 8.06 -19.39 14.29
C ALA C 245 7.45 -19.47 12.89
N GLY C 246 7.00 -18.33 12.38
CA GLY C 246 6.62 -18.27 10.98
C GLY C 246 5.29 -18.94 10.71
N THR C 247 5.20 -19.53 9.53
CA THR C 247 3.90 -20.11 9.16
C THR C 247 4.00 -21.17 8.07
N ASP C 248 3.61 -22.39 8.40
CA ASP C 248 3.37 -23.39 7.36
C ASP C 248 2.25 -22.87 6.48
N ASP C 249 2.60 -22.09 5.45
CA ASP C 249 1.60 -21.45 4.61
C ASP C 249 0.89 -22.43 3.69
N SER C 250 1.51 -23.56 3.39
CA SER C 250 0.89 -24.54 2.49
C SER C 250 -0.31 -25.22 3.16
N THR C 251 -0.27 -25.39 4.48
CA THR C 251 -1.46 -25.86 5.19
C THR C 251 -2.49 -24.76 5.34
N LEU C 252 -2.03 -23.54 5.62
CA LEU C 252 -2.94 -22.42 5.80
C LEU C 252 -3.75 -22.15 4.52
N VAL C 253 -3.07 -22.04 3.38
CA VAL C 253 -3.77 -21.82 2.12
C VAL C 253 -4.75 -22.96 1.86
N ARG C 254 -4.28 -24.21 1.94
CA ARG C 254 -5.08 -25.34 1.53
C ARG C 254 -6.36 -25.45 2.35
N ILE C 255 -6.25 -25.33 3.68
CA ILE C 255 -7.44 -25.47 4.52
C ILE C 255 -8.44 -24.36 4.25
N VAL C 256 -7.95 -23.12 4.13
CA VAL C 256 -8.86 -22.00 3.89
C VAL C 256 -9.48 -22.09 2.50
N VAL C 257 -8.73 -22.58 1.51
CA VAL C 257 -9.28 -22.67 0.16
C VAL C 257 -10.28 -23.82 0.06
N THR C 258 -9.94 -24.97 0.61
CA THR C 258 -10.76 -26.17 0.42
C THR C 258 -12.10 -26.08 1.14
N ARG C 259 -12.15 -25.39 2.28
CA ARG C 259 -13.35 -25.31 3.09
C ARG C 259 -14.08 -23.98 2.92
N SER C 260 -13.62 -23.12 2.02
CA SER C 260 -14.23 -21.79 1.85
C SER C 260 -15.71 -21.88 1.57
N GLU C 261 -16.12 -22.86 0.76
CA GLU C 261 -17.51 -23.00 0.34
C GLU C 261 -18.16 -24.27 0.91
N ILE C 262 -17.65 -24.75 2.05
CA ILE C 262 -18.26 -25.88 2.72
C ILE C 262 -18.58 -25.49 4.16
N ASP C 263 -17.54 -25.20 4.95
CA ASP C 263 -17.76 -24.90 6.36
C ASP C 263 -16.72 -23.94 6.94
N LEU C 264 -16.18 -23.04 6.11
CA LEU C 264 -15.21 -22.08 6.63
C LEU C 264 -15.82 -21.22 7.73
N VAL C 265 -17.13 -21.01 7.70
CA VAL C 265 -17.80 -20.29 8.78
C VAL C 265 -17.66 -21.06 10.08
N GLN C 266 -17.97 -22.37 10.06
CA GLN C 266 -17.96 -23.15 11.28
C GLN C 266 -16.55 -23.44 11.78
N ILE C 267 -15.55 -23.38 10.90
CA ILE C 267 -14.17 -23.43 11.33
C ILE C 267 -13.85 -22.21 12.20
N LYS C 268 -14.28 -21.03 11.75
CA LYS C 268 -14.04 -19.80 12.50
C LYS C 268 -14.65 -19.87 13.88
N GLN C 269 -15.93 -20.25 13.97
CA GLN C 269 -16.62 -20.34 15.25
C GLN C 269 -15.82 -21.17 16.25
N MET C 270 -15.45 -22.38 15.86
CA MET C 270 -14.73 -23.25 16.79
C MET C 270 -13.31 -22.78 17.03
N PHE C 271 -12.72 -22.01 16.11
CA PHE C 271 -11.42 -21.41 16.40
C PHE C 271 -11.52 -20.43 17.56
N ALA C 272 -12.62 -19.68 17.62
CA ALA C 272 -12.80 -18.73 18.71
C ALA C 272 -12.96 -19.44 20.05
N GLN C 273 -13.86 -20.43 20.09
CA GLN C 273 -14.10 -21.17 21.32
C GLN C 273 -12.80 -21.74 21.88
N MET C 274 -11.93 -22.26 21.01
CA MET C 274 -10.75 -22.98 21.47
C MET C 274 -9.62 -22.05 21.90
N TYR C 275 -9.54 -20.84 21.34
CA TYR C 275 -8.33 -20.05 21.49
C TYR C 275 -8.58 -18.63 21.99
N GLN C 276 -9.81 -18.28 22.36
CA GLN C 276 -10.12 -16.94 22.89
C GLN C 276 -9.60 -15.84 21.96
N LYS C 277 -9.57 -16.14 20.66
CA LYS C 277 -9.04 -15.24 19.65
C LYS C 277 -9.50 -15.73 18.27
N THR C 278 -9.96 -14.82 17.42
CA THR C 278 -10.56 -15.23 16.16
C THR C 278 -9.49 -15.61 15.13
N LEU C 279 -9.89 -16.48 14.19
CA LEU C 279 -8.99 -16.94 13.14
C LEU C 279 -8.48 -15.78 12.29
N GLY C 280 -9.29 -14.71 12.16
CA GLY C 280 -8.82 -13.54 11.43
C GLY C 280 -7.70 -12.82 12.14
N THR C 281 -7.84 -12.63 13.46
CA THR C 281 -6.75 -12.05 14.26
C THR C 281 -5.48 -12.87 14.11
N MET C 282 -5.59 -14.19 14.25
CA MET C 282 -4.42 -15.06 14.16
C MET C 282 -3.75 -14.96 12.79
N ILE C 283 -4.54 -14.91 11.73
CA ILE C 283 -3.97 -14.81 10.38
C ILE C 283 -3.34 -13.44 10.17
N ALA C 284 -3.99 -12.38 10.65
CA ALA C 284 -3.48 -11.03 10.43
C ALA C 284 -2.13 -10.82 11.10
N GLY C 285 -1.87 -11.49 12.21
CA GLY C 285 -0.61 -11.39 12.91
C GLY C 285 0.45 -12.36 12.47
N ASP C 286 0.13 -13.24 11.52
CA ASP C 286 1.07 -14.22 10.99
C ASP C 286 1.41 -13.99 9.52
N THR C 287 0.66 -13.14 8.83
CA THR C 287 0.79 -12.95 7.40
C THR C 287 0.80 -11.46 7.07
N SER C 288 1.29 -11.12 5.89
CA SER C 288 1.40 -9.73 5.47
C SER C 288 1.17 -9.65 3.96
N GLY C 289 1.54 -8.51 3.37
CA GLY C 289 1.41 -8.23 1.94
C GLY C 289 -0.01 -8.40 1.44
N ASP C 290 -0.11 -8.62 0.12
CA ASP C 290 -1.39 -9.02 -0.47
C ASP C 290 -1.72 -10.48 -0.18
N TYR C 291 -0.74 -11.27 0.26
CA TYR C 291 -1.02 -12.64 0.69
C TYR C 291 -2.01 -12.66 1.85
N ARG C 292 -1.75 -11.84 2.87
CA ARG C 292 -2.68 -11.73 3.98
C ARG C 292 -3.99 -11.08 3.54
N ARG C 293 -3.91 -10.02 2.72
CA ARG C 293 -5.10 -9.31 2.28
C ARG C 293 -6.09 -10.26 1.62
N LEU C 294 -5.61 -11.09 0.69
CA LEU C 294 -6.48 -12.09 0.08
C LEU C 294 -7.02 -13.05 1.12
N LEU C 295 -6.17 -13.49 2.05
CA LEU C 295 -6.59 -14.45 3.08
C LEU C 295 -7.76 -13.93 3.89
N LEU C 296 -7.60 -12.75 4.50
CA LEU C 296 -8.68 -12.22 5.34
C LEU C 296 -9.93 -11.94 4.51
N ALA C 297 -9.78 -11.64 3.22
CA ALA C 297 -10.93 -11.46 2.36
C ALA C 297 -11.77 -12.73 2.30
N ILE C 298 -11.12 -13.90 2.26
CA ILE C 298 -11.86 -15.15 2.12
C ILE C 298 -12.51 -15.52 3.45
N VAL C 299 -11.70 -15.60 4.51
CA VAL C 299 -12.23 -15.97 5.85
C VAL C 299 -13.08 -14.80 6.37
N GLY C 300 -13.24 -13.75 5.56
CA GLY C 300 -13.99 -12.57 6.01
C GLY C 300 -13.44 -12.06 7.33
N GLN C 301 -14.30 -11.43 8.15
CA GLN C 301 -13.86 -10.88 9.45
C GLN C 301 -14.89 -11.25 10.53
CA CA D . -0.54 4.05 8.63
CA CA E . 3.68 0.51 15.08
CA CA F . 19.60 -14.06 14.95
CA CA G . 16.52 -15.98 5.54
CA CA H . 26.47 -6.81 8.28
CA CA I . 37.09 12.94 -7.60
CA CA J . 39.01 15.42 2.23
CA CA K . 41.09 24.69 -1.11
CA CA L . 23.95 -3.44 -15.74
CA CA M . -8.22 5.08 -16.95
CA CA N . -11.18 8.04 -27.39
CA CA O . 4.12 16.75 19.82
CA CA P . -7.25 -0.94 7.75
CA CA Q . 3.53 23.66 -14.15
CA CA R . 3.22 13.10 -5.25
CA CA S . 6.05 21.22 -4.28
CA CA T . 2.46 19.04 31.46
CA CA U . -7.72 -49.89 -8.43
CA CA V . 3.59 -17.67 13.43
CA CA W . 6.24 -17.64 -10.37
CA CA X . 4.31 -8.24 -15.60
CA CA Y . -17.69 -10.54 -16.67
CA CA Z . -18.54 -14.37 -15.60
CA CA AA . 7.20 -40.62 -4.38
CA CA BA . 3.87 -50.23 -0.58
CA CA CA . 2.13 -47.84 8.51
CA CA DA . 2.00 -43.10 20.21
CA CA EA . -1.73 -53.12 23.16
CA CA FA . 0.23 -56.13 13.74
CA CA GA . -19.62 -26.26 22.13
CA CA HA . 6.57 -20.09 5.47
#